data_9CX3
#
_entry.id   9CX3
#
_cell.length_a   1.00
_cell.length_b   1.00
_cell.length_c   1.00
_cell.angle_alpha   90.00
_cell.angle_beta   90.00
_cell.angle_gamma   90.00
#
_symmetry.space_group_name_H-M   'P 1'
#
loop_
_entity.id
_entity.type
_entity.pdbx_description
1 polymer 'Nanobody 32'
2 polymer 'Proto-oncogene tyrosine-protein kinase Src'
3 polymer 'Antibody fragment Fab30, heavy chain'
4 polymer 'Vasopressin V2 receptor'
5 polymer Beta-arrestin-1
6 polymer 'Antibody fragment Fab30, light chain'
#
loop_
_entity_poly.entity_id
_entity_poly.type
_entity_poly.pdbx_seq_one_letter_code
_entity_poly.pdbx_strand_id
1 'polypeptide(L)'
;QVQLQESGGGLVQAGGSLRLSCVVSGFFFDTVTMAWYRRAPGKHRELVASATAGGTTTYADSVKDRFTISRDNAKNTVYL
QMNSLKPEDTAVYYCNTFVRSLSWGQGTQVTVSSHHHHHHEPEA
;
A
2 'polypeptide(L)'
;MGSSHHHHHHDYDIPTTENLYFQGHMVTTFVALYDYESCTETDLSFKKGERLQIVNNTEGDWWLAHSLTTGQTGYIPSNY
VAPSD
;
C
3 'polypeptide(L)'
;EISEVQLVESGGGLVQPGGSLRLSCAASGFNVYSSSIHWVRQAPGKGLEWVASISSYYGYTYYADSVKGRFTISADTSKN
TAYLQMNSLRAEDTAVYYCARSRQFWYSGLDYWGQGTLVTVSSASTKGPSVFPLAPSSKSTSGGTAALGCLVKDYFPEPV
TVSWNSGALTSGVHTFPAVLQSSGLYSLSSVVTVPSSSLGTQTYICNVNHKPSNTKVDKKVEPKSCDKTHHHHHHHH
;
H
4 'polypeptide(L)' ARGR(TPO)PP(SEP)LGPQDE(SEP)C(TPO)(TPO)A(SEP)(SEP)(SEP)LAKDTSS V
5 'polypeptide(L)'
;GDKGTRVFKKASPNGKLTVYLGKRDFVDHIDLVDPVDGVVLVDPEYLKERRVYVTLTVAFRYGREDLDVLGLTFRKDLFV
ANVQSFPPAPEDKKPLTRLQERLIKKLGEHAYPFTFEICPNLPSSVTLQPGPEDTGKALGVDYEVKAFVAENLEEKIHKR
NSVRLVIRKVQYAPERPGPQPTAETTRQFLMSDKPLHLEASLDKEIYYHGEPISVNVHVTNNTNKTVKKIKISVRQYADI
VLFNTAQYKVPVAMEEADDTVAPSSTFSKVYTLTPFLANNREKRGLALDGKLKHEDTNLASSTLLREGANREILGIIVSY
KVKVKLVVSRGGLLGDLASSDVAVELPFTLMHPKPKEEPPHREVPESETPVDTNLIELDTNDDDIVFEDFAR
;
B
6 'polypeptide(L)'
;SDIQMTQSPSSLSASVGDRVTITCRASQSVSSAVAWYQQKPGKAPKLLIYSASSLYSGVPSRFSGSRSGTDFTLTISSLQ
PEDFATYYCQQYKYVPVTFGQGTKVEIKRTVAAPSVFIFPPSDSQLKSGTASVVCLLNNFYPREAKVQWKVDNALQSGNS
QESVTEQDSKDSTYSLSSTLTLSKADYEKHKVYACEVTHQGLSSPVTKSFNRGEC
;
L
#
# COMPACT_ATOMS: atom_id res chain seq x y z
N GLN A 3 24.87 3.74 9.03
CA GLN A 3 25.40 2.44 8.64
C GLN A 3 26.43 1.94 9.66
N LEU A 4 26.53 0.62 9.79
CA LEU A 4 27.46 0.00 10.73
C LEU A 4 28.22 -1.11 10.03
N GLN A 5 29.40 -1.41 10.54
CA GLN A 5 30.23 -2.49 10.02
C GLN A 5 30.78 -3.30 11.18
N GLU A 6 31.07 -4.57 10.91
CA GLU A 6 31.49 -5.51 11.93
C GLU A 6 32.77 -6.20 11.49
N SER A 7 33.52 -6.71 12.46
CA SER A 7 34.78 -7.40 12.22
C SER A 7 34.73 -8.79 12.84
N GLY A 8 35.87 -9.47 12.84
CA GLY A 8 35.93 -10.82 13.35
C GLY A 8 35.20 -11.79 12.42
N GLY A 9 34.94 -12.96 12.97
CA GLY A 9 34.21 -13.96 12.22
C GLY A 9 35.12 -14.87 11.42
N GLY A 10 34.80 -16.15 11.45
CA GLY A 10 35.60 -17.13 10.74
C GLY A 10 35.45 -18.50 11.40
N LEU A 11 36.14 -19.47 10.81
CA LEU A 11 36.06 -20.84 11.30
C LEU A 11 36.80 -20.97 12.63
N VAL A 12 36.16 -21.66 13.58
CA VAL A 12 36.75 -21.95 14.88
C VAL A 12 36.56 -23.43 15.18
N GLN A 13 37.38 -23.93 16.10
CA GLN A 13 37.28 -25.30 16.56
C GLN A 13 37.00 -25.32 18.06
N ALA A 14 36.27 -26.33 18.50
CA ALA A 14 35.88 -26.42 19.91
C ALA A 14 37.11 -26.49 20.80
N GLY A 15 37.03 -25.81 21.95
CA GLY A 15 38.13 -25.73 22.89
C GLY A 15 38.92 -24.44 22.85
N GLY A 16 38.67 -23.58 21.87
CA GLY A 16 39.35 -22.31 21.75
C GLY A 16 38.48 -21.13 22.15
N SER A 17 38.76 -19.98 21.56
CA SER A 17 37.99 -18.77 21.80
C SER A 17 38.04 -17.89 20.56
N LEU A 18 37.06 -17.00 20.45
CA LEU A 18 37.02 -16.05 19.35
C LEU A 18 36.54 -14.70 19.87
N ARG A 19 37.15 -13.64 19.35
CA ARG A 19 36.85 -12.27 19.74
C ARG A 19 36.20 -11.54 18.58
N LEU A 20 35.10 -10.85 18.85
CA LEU A 20 34.33 -10.16 17.82
C LEU A 20 34.11 -8.72 18.22
N SER A 21 33.98 -7.85 17.23
CA SER A 21 33.84 -6.43 17.47
C SER A 21 33.08 -5.77 16.33
N CYS A 22 32.61 -4.56 16.57
CA CYS A 22 31.84 -3.80 15.61
C CYS A 22 32.27 -2.35 15.61
N VAL A 23 31.90 -1.64 14.55
CA VAL A 23 32.13 -0.20 14.43
C VAL A 23 30.80 0.43 14.02
N VAL A 24 30.42 1.49 14.72
CA VAL A 24 29.12 2.13 14.55
C VAL A 24 29.34 3.60 14.18
N SER A 25 28.73 4.02 13.08
CA SER A 25 28.75 5.42 12.66
C SER A 25 27.53 6.14 13.22
N GLY A 26 27.45 7.44 12.95
CA GLY A 26 26.31 8.21 13.40
C GLY A 26 26.38 8.52 14.89
N PHE A 27 25.21 8.81 15.47
CA PHE A 27 25.09 9.23 16.86
C PHE A 27 24.43 8.17 17.74
N PHE A 28 24.52 6.90 17.35
CA PHE A 28 23.77 5.83 17.99
C PHE A 28 24.61 5.01 18.95
N PHE A 29 25.64 5.59 19.55
CA PHE A 29 26.60 4.81 20.35
C PHE A 29 26.88 5.39 21.72
N ASP A 30 26.89 6.71 21.88
CA ASP A 30 27.53 7.31 23.05
C ASP A 30 26.75 7.04 24.33
N THR A 31 25.46 7.37 24.35
CA THR A 31 24.64 7.18 25.54
C THR A 31 23.59 6.11 25.33
N VAL A 32 23.84 5.18 24.41
CA VAL A 32 22.87 4.16 24.02
C VAL A 32 23.51 2.80 24.20
N THR A 33 22.81 1.88 24.87
CA THR A 33 23.34 0.54 25.05
C THR A 33 23.46 -0.15 23.70
N MET A 34 24.52 -0.95 23.56
CA MET A 34 24.83 -1.61 22.30
C MET A 34 24.73 -3.12 22.50
N ALA A 35 23.98 -3.77 21.62
CA ALA A 35 23.69 -5.19 21.73
C ALA A 35 24.37 -5.95 20.62
N TRP A 36 24.25 -7.27 20.69
CA TRP A 36 24.68 -8.16 19.62
C TRP A 36 23.62 -9.22 19.43
N TYR A 37 23.59 -9.80 18.23
CA TYR A 37 22.58 -10.79 17.88
C TYR A 37 23.24 -11.95 17.14
N ARG A 38 22.56 -13.10 17.15
CA ARG A 38 22.97 -14.26 16.39
C ARG A 38 21.75 -14.84 15.67
N ARG A 39 21.96 -15.34 14.46
CA ARG A 39 20.90 -15.91 13.64
C ARG A 39 21.19 -17.37 13.34
N ALA A 40 20.28 -18.24 13.73
CA ALA A 40 20.37 -19.64 13.34
C ALA A 40 20.05 -19.78 11.85
N PRO A 41 20.57 -20.82 11.19
CA PRO A 41 20.30 -21.00 9.76
C PRO A 41 18.82 -21.23 9.47
N GLY A 42 18.18 -20.27 8.80
CA GLY A 42 16.79 -20.37 8.45
C GLY A 42 15.82 -19.90 9.51
N LYS A 43 16.30 -19.53 10.69
CA LYS A 43 15.46 -19.07 11.78
C LYS A 43 15.70 -17.59 12.05
N HIS A 44 14.88 -17.02 12.93
CA HIS A 44 15.04 -15.63 13.30
C HIS A 44 16.25 -15.45 14.22
N ARG A 45 16.63 -14.20 14.43
CA ARG A 45 17.83 -13.88 15.19
C ARG A 45 17.61 -14.04 16.68
N GLU A 46 18.65 -14.53 17.37
CA GLU A 46 18.66 -14.60 18.82
C GLU A 46 19.52 -13.49 19.40
N LEU A 47 19.09 -12.96 20.54
CA LEU A 47 19.81 -11.88 21.21
C LEU A 47 20.86 -12.48 22.14
N VAL A 48 22.06 -11.89 22.12
CA VAL A 48 23.20 -12.48 22.79
C VAL A 48 23.52 -11.80 24.11
N ALA A 49 23.89 -10.53 24.07
CA ALA A 49 24.45 -9.85 25.23
C ALA A 49 24.19 -8.35 25.10
N SER A 50 24.88 -7.55 25.92
CA SER A 50 24.62 -6.13 25.95
C SER A 50 25.80 -5.40 26.58
N ALA A 51 25.79 -4.08 26.47
CA ALA A 51 26.68 -3.20 27.20
C ALA A 51 25.98 -1.85 27.33
N THR A 52 25.73 -1.43 28.57
CA THR A 52 24.92 -0.25 28.81
C THR A 52 25.76 1.03 28.71
N ALA A 53 25.12 2.17 28.93
CA ALA A 53 25.83 3.44 28.88
C ALA A 53 26.90 3.53 29.96
N GLY A 54 26.57 3.05 31.16
CA GLY A 54 27.52 3.12 32.27
C GLY A 54 28.65 2.13 32.21
N GLY A 55 28.61 1.20 31.26
CA GLY A 55 29.65 0.21 31.07
C GLY A 55 29.33 -1.16 31.62
N THR A 56 28.37 -1.27 32.54
CA THR A 56 27.99 -2.55 33.09
C THR A 56 27.18 -3.34 32.08
N THR A 57 27.01 -4.63 32.36
CA THR A 57 26.38 -5.55 31.42
C THR A 57 25.11 -6.13 32.00
N THR A 58 24.15 -6.38 31.10
CA THR A 58 22.95 -7.14 31.41
C THR A 58 22.69 -8.09 30.25
N TYR A 59 22.37 -9.35 30.57
CA TYR A 59 22.27 -10.39 29.56
C TYR A 59 20.83 -10.84 29.38
N ALA A 60 20.39 -10.91 28.13
CA ALA A 60 19.17 -11.61 27.78
C ALA A 60 19.44 -13.05 27.36
N ASP A 61 20.69 -13.47 27.39
CA ASP A 61 21.06 -14.82 26.99
C ASP A 61 20.47 -15.85 27.94
N SER A 62 20.05 -16.99 27.38
CA SER A 62 19.62 -18.12 28.18
C SER A 62 20.80 -18.95 28.70
N VAL A 63 22.01 -18.66 28.25
CA VAL A 63 23.19 -19.38 28.70
C VAL A 63 23.89 -18.57 29.78
N LYS A 64 24.28 -17.34 29.44
CA LYS A 64 24.89 -16.40 30.39
C LYS A 64 26.16 -17.01 31.02
N ASP A 65 26.98 -17.62 30.17
CA ASP A 65 28.22 -18.21 30.62
C ASP A 65 29.36 -17.84 29.69
N ARG A 66 30.46 -17.37 30.27
CA ARG A 66 31.74 -17.19 29.57
C ARG A 66 31.61 -16.28 28.35
N PHE A 67 31.00 -15.12 28.55
CA PHE A 67 30.92 -14.09 27.51
C PHE A 67 31.33 -12.76 28.11
N THR A 68 32.25 -12.07 27.44
CA THR A 68 32.75 -10.78 27.90
C THR A 68 32.36 -9.71 26.91
N ILE A 69 31.79 -8.60 27.41
CA ILE A 69 31.36 -7.50 26.59
C ILE A 69 32.13 -6.26 27.00
N SER A 70 32.79 -5.62 26.04
CA SER A 70 33.54 -4.39 26.27
C SER A 70 32.97 -3.30 25.38
N ARG A 71 32.61 -2.18 25.98
CA ARG A 71 32.02 -1.05 25.26
C ARG A 71 32.96 0.13 25.32
N ASP A 72 33.22 0.74 24.17
CA ASP A 72 34.16 1.85 24.03
C ASP A 72 33.37 3.13 23.73
N ASN A 73 33.43 4.09 24.64
CA ASN A 73 32.73 5.35 24.43
C ASN A 73 33.53 6.34 23.59
N ALA A 74 34.77 6.00 23.25
CA ALA A 74 35.64 6.96 22.57
C ALA A 74 35.92 6.55 21.12
N LYS A 75 36.32 5.30 20.89
CA LYS A 75 36.83 4.84 19.60
C LYS A 75 35.72 4.54 18.60
N ASN A 76 34.47 4.52 19.03
CA ASN A 76 33.33 4.06 18.23
C ASN A 76 33.45 2.58 17.90
N THR A 77 33.46 1.75 18.94
CA THR A 77 33.48 0.31 18.77
C THR A 77 32.87 -0.38 19.99
N VAL A 78 32.44 -1.62 19.77
CA VAL A 78 31.87 -2.47 20.81
C VAL A 78 32.46 -3.87 20.65
N TYR A 79 32.87 -4.47 21.77
CA TYR A 79 33.53 -5.77 21.76
C TYR A 79 32.67 -6.83 22.41
N LEU A 80 32.57 -7.98 21.75
CA LEU A 80 31.93 -9.17 22.31
C LEU A 80 32.91 -10.33 22.20
N GLN A 81 32.96 -11.15 23.25
CA GLN A 81 33.95 -12.23 23.33
C GLN A 81 33.25 -13.57 23.53
N MET A 82 33.76 -14.58 22.84
CA MET A 82 33.27 -15.96 22.94
C MET A 82 34.38 -16.81 23.54
N ASN A 83 34.06 -17.56 24.58
CA ASN A 83 35.03 -18.50 25.13
C ASN A 83 34.49 -19.91 25.26
N SER A 84 33.22 -20.07 25.62
CA SER A 84 32.62 -21.39 25.80
C SER A 84 31.96 -21.80 24.47
N LEU A 85 32.78 -22.34 23.58
CA LEU A 85 32.27 -22.75 22.28
C LEU A 85 31.47 -24.03 22.38
N LYS A 86 30.28 -24.01 21.81
CA LYS A 86 29.41 -25.17 21.71
C LYS A 86 28.88 -25.24 20.28
N PRO A 87 28.48 -26.43 19.83
CA PRO A 87 27.98 -26.55 18.44
C PRO A 87 26.80 -25.63 18.16
N GLU A 88 26.01 -25.28 19.18
CA GLU A 88 24.91 -24.35 18.99
C GLU A 88 25.40 -22.95 18.63
N ASP A 89 26.67 -22.64 18.90
CA ASP A 89 27.22 -21.35 18.49
C ASP A 89 27.41 -21.26 16.98
N THR A 90 27.26 -22.36 16.26
CA THR A 90 27.41 -22.35 14.81
C THR A 90 26.26 -21.55 14.21
N ALA A 91 26.53 -20.29 13.90
CA ALA A 91 25.50 -19.38 13.39
C ALA A 91 26.20 -18.15 12.85
N VAL A 92 25.39 -17.24 12.30
CA VAL A 92 25.86 -15.96 11.79
C VAL A 92 25.55 -14.91 12.84
N TYR A 93 26.58 -14.20 13.29
CA TYR A 93 26.45 -13.22 14.36
C TYR A 93 26.36 -11.81 13.77
N TYR A 94 25.46 -11.01 14.32
CA TYR A 94 25.27 -9.63 13.87
C TYR A 94 25.38 -8.70 15.06
N CYS A 95 25.40 -7.41 14.76
CA CYS A 95 25.48 -6.36 15.77
C CYS A 95 24.46 -5.27 15.45
N ASN A 96 23.93 -4.66 16.49
CA ASN A 96 22.96 -3.58 16.38
C ASN A 96 22.64 -3.09 17.79
N THR A 97 21.85 -2.04 17.85
CA THR A 97 21.35 -1.55 19.13
C THR A 97 20.40 -2.57 19.75
N PHE A 98 20.22 -2.47 21.08
CA PHE A 98 19.14 -3.22 21.72
C PHE A 98 17.80 -2.96 21.07
N VAL A 99 17.55 -1.74 20.61
CA VAL A 99 16.30 -1.41 19.94
C VAL A 99 16.46 -1.65 18.44
N ARG A 100 17.64 -2.10 18.02
CA ARG A 100 17.94 -2.41 16.62
C ARG A 100 17.63 -1.21 15.73
N SER A 101 18.05 -0.02 16.17
CA SER A 101 17.70 1.21 15.48
C SER A 101 18.44 1.36 14.16
N LEU A 102 19.74 1.10 14.16
CA LEU A 102 20.55 1.31 12.97
C LEU A 102 20.13 0.36 11.86
N SER A 103 20.46 0.73 10.63
CA SER A 103 20.16 -0.09 9.47
C SER A 103 20.79 -1.48 9.63
N TRP A 104 19.94 -2.49 9.76
CA TRP A 104 20.42 -3.85 9.97
C TRP A 104 21.17 -4.32 8.73
N GLY A 105 22.49 -4.32 8.79
CA GLY A 105 23.33 -4.63 7.67
C GLY A 105 23.94 -6.01 7.75
N GLN A 106 24.98 -6.21 6.94
CA GLN A 106 25.65 -7.51 6.88
C GLN A 106 26.30 -7.84 8.23
N GLY A 107 26.25 -9.13 8.58
CA GLY A 107 26.84 -9.61 9.80
C GLY A 107 28.12 -10.39 9.58
N THR A 108 28.50 -11.15 10.59
CA THR A 108 29.71 -11.98 10.54
C THR A 108 29.35 -13.40 10.90
N GLN A 109 30.11 -14.35 10.35
CA GLN A 109 29.81 -15.77 10.47
C GLN A 109 30.86 -16.48 11.33
N VAL A 110 30.39 -17.31 12.25
CA VAL A 110 31.24 -18.17 13.06
C VAL A 110 30.76 -19.61 12.89
N THR A 111 31.69 -20.53 12.68
CA THR A 111 31.39 -21.93 12.46
C THR A 111 32.32 -22.79 13.30
N VAL A 112 31.75 -23.77 13.99
CA VAL A 112 32.52 -24.67 14.85
C VAL A 112 32.13 -26.11 14.54
N SER A 113 33.12 -27.00 14.56
CA SER A 113 32.92 -28.43 14.34
C SER A 113 32.23 -28.73 13.00
N PHE B 30 -18.47 21.08 30.53
CA PHE B 30 -19.91 21.10 30.75
C PHE B 30 -20.66 20.85 29.44
N VAL B 31 -20.16 21.42 28.35
CA VAL B 31 -20.85 21.39 27.08
C VAL B 31 -20.02 20.60 26.07
N ALA B 32 -20.71 19.79 25.27
CA ALA B 32 -20.11 19.05 24.17
C ALA B 32 -20.60 19.64 22.85
N LEU B 33 -19.70 19.73 21.88
CA LEU B 33 -19.98 20.38 20.61
C LEU B 33 -20.23 19.42 19.46
N TYR B 34 -20.02 18.12 19.66
CA TYR B 34 -19.94 17.17 18.55
C TYR B 34 -20.66 15.89 18.93
N ASP B 35 -20.71 14.96 17.97
CA ASP B 35 -21.25 13.64 18.22
C ASP B 35 -20.13 12.63 18.40
N TYR B 36 -20.17 11.91 19.53
CA TYR B 36 -19.16 10.93 19.84
C TYR B 36 -19.82 9.68 20.41
N GLU B 37 -19.49 8.53 19.85
CA GLU B 37 -19.96 7.25 20.37
C GLU B 37 -18.78 6.31 20.50
N SER B 38 -18.83 5.46 21.52
CA SER B 38 -17.73 4.55 21.83
C SER B 38 -18.25 3.13 21.98
N CYS B 39 -17.40 2.18 21.58
CA CYS B 39 -17.72 0.77 21.71
C CYS B 39 -17.19 0.14 22.99
N THR B 40 -16.55 0.94 23.86
CA THR B 40 -16.00 0.44 25.11
C THR B 40 -17.00 0.66 26.24
N GLU B 41 -17.02 -0.29 27.18
CA GLU B 41 -17.98 -0.24 28.29
C GLU B 41 -17.71 0.92 29.24
N THR B 42 -16.45 1.32 29.40
CA THR B 42 -16.11 2.38 30.36
C THR B 42 -16.17 3.78 29.76
N ASP B 43 -16.45 3.90 28.46
CA ASP B 43 -16.43 5.18 27.77
C ASP B 43 -17.86 5.65 27.50
N LEU B 44 -18.15 6.89 27.87
CA LEU B 44 -19.47 7.46 27.71
C LEU B 44 -19.66 7.90 26.25
N SER B 45 -20.90 7.80 25.78
CA SER B 45 -21.26 8.26 24.44
C SER B 45 -22.37 9.28 24.56
N PHE B 46 -22.30 10.33 23.75
CA PHE B 46 -23.21 11.45 23.91
C PHE B 46 -23.44 12.12 22.57
N LYS B 47 -24.46 12.98 22.53
CA LYS B 47 -24.79 13.80 21.37
C LYS B 47 -24.83 15.25 21.83
N LYS B 48 -23.66 15.90 21.87
CA LYS B 48 -23.55 17.29 22.30
C LYS B 48 -24.22 17.51 23.65
N GLY B 49 -23.73 16.84 24.68
CA GLY B 49 -24.31 16.97 26.01
C GLY B 49 -23.98 18.31 26.66
N GLU B 50 -24.88 18.73 27.55
CA GLU B 50 -24.69 19.95 28.32
C GLU B 50 -24.64 19.60 29.81
N ARG B 51 -23.85 20.38 30.55
CA ARG B 51 -23.81 20.32 32.00
C ARG B 51 -23.45 18.93 32.52
N LEU B 52 -22.36 18.37 32.00
CA LEU B 52 -21.88 17.08 32.50
C LEU B 52 -21.14 17.27 33.82
N GLN B 53 -21.42 16.41 34.78
CA GLN B 53 -20.92 16.60 36.14
C GLN B 53 -19.43 16.29 36.22
N ILE B 54 -18.68 17.20 36.82
CA ILE B 54 -17.29 16.97 37.22
C ILE B 54 -17.01 17.87 38.42
N VAL B 55 -16.28 17.36 39.39
CA VAL B 55 -15.93 18.19 40.55
C VAL B 55 -14.91 19.24 40.15
N ASN B 56 -13.97 18.88 39.27
CA ASN B 56 -13.00 19.80 38.69
C ASN B 56 -12.34 19.07 37.52
N ASN B 57 -11.29 19.68 36.96
CA ASN B 57 -10.63 19.07 35.81
C ASN B 57 -10.02 17.72 36.19
N THR B 58 -9.60 16.98 35.17
CA THR B 58 -9.16 15.61 35.36
C THR B 58 -7.79 15.56 36.04
N GLU B 59 -7.33 14.33 36.27
CA GLU B 59 -6.01 14.07 36.82
C GLU B 59 -5.07 13.41 35.82
N GLY B 60 -5.55 13.12 34.61
CA GLY B 60 -4.76 12.51 33.56
C GLY B 60 -4.97 13.22 32.23
N ASP B 61 -5.12 12.42 31.19
CA ASP B 61 -5.37 12.93 29.84
C ASP B 61 -6.84 12.90 29.48
N TRP B 62 -7.53 11.82 29.83
CA TRP B 62 -8.97 11.70 29.56
C TRP B 62 -9.77 12.09 30.80
N TRP B 63 -10.96 12.62 30.56
CA TRP B 63 -11.79 13.22 31.61
C TRP B 63 -12.95 12.29 31.95
N LEU B 64 -13.48 12.47 33.16
CA LEU B 64 -14.67 11.75 33.60
C LEU B 64 -15.86 12.69 33.60
N ALA B 65 -17.05 12.13 33.32
CA ALA B 65 -18.25 12.95 33.27
C ALA B 65 -19.46 12.11 33.59
N HIS B 66 -20.49 12.79 34.10
CA HIS B 66 -21.79 12.18 34.38
C HIS B 66 -22.89 13.03 33.76
N SER B 67 -23.88 12.37 33.18
CA SER B 67 -25.00 13.05 32.56
C SER B 67 -26.28 12.70 33.30
N LEU B 68 -27.01 13.73 33.74
CA LEU B 68 -28.29 13.50 34.41
C LEU B 68 -29.34 12.98 33.43
N THR B 69 -29.40 13.56 32.23
CA THR B 69 -30.41 13.17 31.26
C THR B 69 -30.10 11.83 30.63
N THR B 70 -28.81 11.46 30.55
CA THR B 70 -28.44 10.16 29.99
C THR B 70 -28.34 9.08 31.05
N GLY B 71 -27.66 9.36 32.16
CA GLY B 71 -27.64 8.44 33.29
C GLY B 71 -26.59 7.34 33.21
N GLN B 72 -25.45 7.60 32.57
CA GLN B 72 -24.31 6.71 32.67
C GLN B 72 -23.09 7.53 33.06
N THR B 73 -22.15 6.86 33.73
CA THR B 73 -20.91 7.49 34.17
C THR B 73 -19.73 6.77 33.50
N GLY B 74 -18.87 7.54 32.85
CA GLY B 74 -17.71 6.98 32.19
C GLY B 74 -16.74 8.08 31.79
N TYR B 75 -15.66 7.67 31.13
CA TYR B 75 -14.63 8.61 30.70
C TYR B 75 -14.98 9.21 29.35
N ILE B 76 -14.62 10.49 29.18
CA ILE B 76 -14.79 11.16 27.89
C ILE B 76 -13.48 11.83 27.52
N PRO B 77 -13.15 11.94 26.22
CA PRO B 77 -11.91 12.60 25.82
C PRO B 77 -11.95 14.10 26.07
N SER B 78 -10.76 14.70 26.22
CA SER B 78 -10.65 16.07 26.68
C SER B 78 -11.15 17.07 25.64
N ASN B 79 -10.85 16.84 24.36
CA ASN B 79 -11.06 17.86 23.33
C ASN B 79 -12.51 18.25 23.14
N TYR B 80 -13.44 17.66 23.89
CA TYR B 80 -14.86 17.81 23.65
C TYR B 80 -15.62 18.30 24.87
N VAL B 81 -14.96 19.01 25.77
CA VAL B 81 -15.61 19.62 26.93
C VAL B 81 -15.48 21.13 26.80
N ALA B 82 -16.60 21.82 26.88
CA ALA B 82 -16.68 23.27 26.81
C ALA B 82 -17.06 23.82 28.18
N PRO B 83 -16.72 25.07 28.47
CA PRO B 83 -17.02 25.62 29.80
C PRO B 83 -18.51 25.79 30.05
N SER B 84 -18.85 26.30 31.23
CA SER B 84 -20.25 26.51 31.60
C SER B 84 -20.96 27.45 30.63
N VAL C 8 -2.69 -10.43 -30.29
CA VAL C 8 -2.71 -9.99 -31.69
C VAL C 8 -2.01 -8.65 -31.82
N GLU C 9 -1.11 -8.55 -32.79
CA GLU C 9 -0.34 -7.33 -33.00
C GLU C 9 0.17 -7.28 -34.43
N SER C 10 0.15 -6.10 -35.02
CA SER C 10 0.70 -5.85 -36.35
C SER C 10 1.96 -5.00 -36.18
N GLY C 11 3.11 -5.58 -36.47
CA GLY C 11 4.39 -4.96 -36.19
C GLY C 11 4.79 -3.89 -37.18
N GLY C 12 6.08 -3.81 -37.46
CA GLY C 12 6.59 -2.84 -38.40
C GLY C 12 7.87 -3.34 -39.04
N GLY C 13 8.23 -2.71 -40.15
CA GLY C 13 9.41 -3.10 -40.88
C GLY C 13 9.36 -2.57 -42.31
N LEU C 14 9.98 -3.33 -43.21
CA LEU C 14 10.05 -2.97 -44.63
C LEU C 14 10.65 -1.59 -44.82
N VAL C 15 11.66 -1.26 -44.03
CA VAL C 15 12.27 0.06 -44.02
C VAL C 15 13.77 -0.11 -44.05
N GLN C 16 14.46 0.91 -44.56
CA GLN C 16 15.91 0.95 -44.47
C GLN C 16 16.33 1.05 -43.00
N PRO C 17 17.49 0.49 -42.64
CA PRO C 17 17.92 0.56 -41.24
C PRO C 17 18.06 2.00 -40.77
N GLY C 18 17.73 2.22 -39.51
CA GLY C 18 17.64 3.57 -38.97
C GLY C 18 16.33 4.28 -39.24
N GLY C 19 15.37 3.61 -39.88
CA GLY C 19 14.11 4.23 -40.20
C GLY C 19 13.02 3.94 -39.18
N SER C 20 12.20 4.95 -38.93
CA SER C 20 11.20 4.88 -37.87
C SER C 20 10.05 3.95 -38.25
N LEU C 21 9.35 3.48 -37.22
CA LEU C 21 8.19 2.60 -37.37
C LEU C 21 7.14 3.00 -36.35
N ARG C 22 6.10 2.18 -36.22
CA ARG C 22 5.07 2.42 -35.21
C ARG C 22 4.33 1.10 -34.97
N LEU C 23 4.49 0.54 -33.78
CA LEU C 23 3.85 -0.72 -33.44
C LEU C 23 2.35 -0.50 -33.24
N SER C 24 1.59 -1.59 -33.33
CA SER C 24 0.13 -1.53 -33.18
C SER C 24 -0.32 -2.83 -32.52
N CYS C 25 -0.45 -2.81 -31.19
CA CYS C 25 -0.77 -3.99 -30.41
C CYS C 25 -2.19 -3.90 -29.88
N ALA C 26 -2.94 -5.00 -29.99
CA ALA C 26 -4.32 -5.03 -29.56
C ALA C 26 -4.56 -6.23 -28.66
N ALA C 27 -5.44 -6.05 -27.67
CA ALA C 27 -5.82 -7.13 -26.75
C ALA C 27 -7.20 -6.77 -26.22
N SER C 28 -8.21 -7.51 -26.64
CA SER C 28 -9.59 -7.12 -26.39
C SER C 28 -10.01 -7.45 -24.96
N GLY C 29 -11.19 -6.97 -24.59
CA GLY C 29 -11.76 -7.23 -23.28
C GLY C 29 -11.50 -6.16 -22.24
N PHE C 30 -10.24 -5.81 -22.03
CA PHE C 30 -9.88 -4.95 -20.92
C PHE C 30 -10.28 -3.50 -21.22
N ASN C 31 -10.13 -2.65 -20.20
CA ASN C 31 -10.32 -1.22 -20.38
C ASN C 31 -8.93 -0.59 -20.42
N VAL C 32 -8.74 0.33 -21.37
CA VAL C 32 -7.44 0.98 -21.52
C VAL C 32 -7.09 1.79 -20.28
N TYR C 33 -8.11 2.28 -19.57
CA TYR C 33 -7.85 3.09 -18.39
C TYR C 33 -7.54 2.22 -17.18
N SER C 34 -8.45 1.31 -16.81
CA SER C 34 -8.24 0.48 -15.64
C SER C 34 -7.00 -0.39 -15.80
N SER C 35 -6.81 -0.99 -16.97
CA SER C 35 -5.54 -1.64 -17.25
C SER C 35 -4.46 -0.58 -17.46
N SER C 36 -3.23 -0.96 -17.12
CA SER C 36 -2.07 -0.14 -17.42
C SER C 36 -1.28 -0.81 -18.54
N ILE C 37 -1.07 -0.07 -19.62
CA ILE C 37 -0.47 -0.61 -20.83
C ILE C 37 1.04 -0.46 -20.73
N HIS C 38 1.73 -1.60 -20.63
CA HIS C 38 3.18 -1.62 -20.55
C HIS C 38 3.74 -2.20 -21.84
N TRP C 39 4.94 -1.78 -22.19
CA TRP C 39 5.64 -2.25 -23.38
C TRP C 39 6.97 -2.86 -22.97
N VAL C 40 7.46 -3.80 -23.77
CA VAL C 40 8.58 -4.64 -23.38
C VAL C 40 9.35 -5.07 -24.64
N ARG C 41 10.65 -5.24 -24.49
CA ARG C 41 11.52 -5.69 -25.58
C ARG C 41 12.39 -6.85 -25.11
N GLN C 42 12.66 -7.78 -26.03
CA GLN C 42 13.63 -8.85 -25.80
C GLN C 42 14.46 -9.04 -27.06
N ALA C 43 15.75 -8.73 -26.97
CA ALA C 43 16.63 -8.98 -28.10
C ALA C 43 16.97 -10.46 -28.19
N PRO C 44 17.04 -11.02 -29.40
CA PRO C 44 17.49 -12.40 -29.55
C PRO C 44 18.83 -12.62 -28.87
N GLY C 45 18.90 -13.65 -28.02
CA GLY C 45 20.06 -13.89 -27.22
C GLY C 45 20.21 -12.99 -26.02
N LYS C 46 19.21 -12.15 -25.73
CA LYS C 46 19.23 -11.24 -24.60
C LYS C 46 17.92 -11.37 -23.83
N GLY C 47 18.00 -11.18 -22.52
CA GLY C 47 16.83 -11.33 -21.68
C GLY C 47 15.86 -10.19 -21.84
N LEU C 48 14.65 -10.42 -21.33
CA LEU C 48 13.60 -9.41 -21.38
C LEU C 48 14.02 -8.20 -20.55
N GLU C 49 13.81 -7.01 -21.10
CA GLU C 49 14.06 -5.78 -20.38
C GLU C 49 12.97 -4.78 -20.71
N TRP C 50 12.48 -4.10 -19.67
CA TRP C 50 11.43 -3.11 -19.84
C TRP C 50 11.91 -1.97 -20.74
N VAL C 51 10.98 -1.40 -21.50
CA VAL C 51 11.32 -0.34 -22.45
C VAL C 51 10.47 0.90 -22.18
N ALA C 52 9.14 0.72 -22.12
CA ALA C 52 8.24 1.84 -21.93
C ALA C 52 7.03 1.36 -21.17
N SER C 53 6.27 2.31 -20.63
CA SER C 53 5.04 2.00 -19.92
C SER C 53 4.21 3.26 -19.85
N ILE C 54 2.90 3.12 -20.09
CA ILE C 54 1.97 4.22 -20.02
C ILE C 54 0.79 3.82 -19.15
N SER C 55 0.43 4.67 -18.20
CA SER C 55 -0.74 4.47 -17.36
C SER C 55 -1.80 5.45 -17.80
N SER C 56 -2.79 4.98 -18.55
CA SER C 56 -3.83 5.85 -19.09
C SER C 56 -4.64 6.50 -17.98
N TYR C 57 -4.89 5.77 -16.88
CA TYR C 57 -5.66 6.32 -15.77
C TYR C 57 -4.90 7.46 -15.08
N TYR C 58 -3.59 7.29 -14.86
CA TYR C 58 -2.83 8.34 -14.22
C TYR C 58 -2.42 9.42 -15.21
N GLY C 59 -1.84 9.02 -16.33
CA GLY C 59 -1.33 9.96 -17.31
C GLY C 59 0.17 10.08 -17.35
N TYR C 60 0.89 9.31 -16.56
CA TYR C 60 2.35 9.30 -16.58
C TYR C 60 2.85 8.28 -17.58
N THR C 61 4.02 8.56 -18.16
CA THR C 61 4.70 7.62 -19.04
C THR C 61 6.16 7.53 -18.63
N TYR C 62 6.65 6.30 -18.48
CA TYR C 62 8.01 6.05 -18.03
C TYR C 62 8.76 5.31 -19.11
N TYR C 63 10.03 5.69 -19.33
CA TYR C 63 10.87 5.02 -20.31
C TYR C 63 12.16 4.56 -19.64
N ALA C 64 12.70 3.46 -20.15
CA ALA C 64 14.06 3.11 -19.81
C ALA C 64 14.99 4.22 -20.30
N ASP C 65 15.99 4.57 -19.48
CA ASP C 65 16.80 5.75 -19.76
C ASP C 65 17.51 5.66 -21.10
N SER C 66 17.69 4.44 -21.64
CA SER C 66 18.34 4.30 -22.93
C SER C 66 17.48 4.87 -24.05
N VAL C 67 16.15 4.73 -23.94
CA VAL C 67 15.26 5.06 -25.04
C VAL C 67 14.29 6.18 -24.64
N LYS C 68 14.73 7.07 -23.75
CA LYS C 68 13.86 8.15 -23.31
C LYS C 68 13.55 9.12 -24.45
N GLY C 69 14.59 9.59 -25.13
CA GLY C 69 14.41 10.58 -26.18
C GLY C 69 14.12 10.03 -27.56
N ARG C 70 14.17 8.72 -27.73
CA ARG C 70 13.95 8.12 -29.03
C ARG C 70 12.54 7.58 -29.22
N PHE C 71 11.93 7.05 -28.17
CA PHE C 71 10.61 6.44 -28.22
C PHE C 71 9.58 7.41 -27.65
N THR C 72 8.36 7.30 -28.16
CA THR C 72 7.25 8.10 -27.62
C THR C 72 6.00 7.22 -27.71
N ILE C 73 5.57 6.71 -26.56
CA ILE C 73 4.47 5.76 -26.52
C ILE C 73 3.14 6.52 -26.55
N SER C 74 2.12 5.86 -27.09
CA SER C 74 0.79 6.45 -27.19
C SER C 74 -0.21 5.33 -27.40
N ALA C 75 -1.33 5.41 -26.69
CA ALA C 75 -2.41 4.44 -26.80
C ALA C 75 -3.73 5.17 -26.99
N ASP C 76 -4.59 4.60 -27.84
CA ASP C 76 -5.88 5.20 -28.12
C ASP C 76 -6.93 4.65 -27.17
N THR C 77 -7.65 5.56 -26.51
CA THR C 77 -8.62 5.15 -25.49
C THR C 77 -9.77 4.38 -26.11
N SER C 78 -10.27 4.82 -27.26
CA SER C 78 -11.48 4.27 -27.85
C SER C 78 -11.20 3.12 -28.81
N LYS C 79 -9.95 2.67 -28.93
CA LYS C 79 -9.60 1.59 -29.83
C LYS C 79 -8.91 0.42 -29.15
N ASN C 80 -8.51 0.55 -27.89
CA ASN C 80 -7.85 -0.53 -27.15
C ASN C 80 -6.59 -1.01 -27.88
N THR C 81 -5.75 -0.05 -28.27
CA THR C 81 -4.55 -0.33 -29.04
C THR C 81 -3.38 0.44 -28.45
N ALA C 82 -2.19 -0.17 -28.51
CA ALA C 82 -0.96 0.45 -28.06
C ALA C 82 -0.03 0.68 -29.24
N TYR C 83 0.74 1.76 -29.18
CA TYR C 83 1.71 2.10 -30.22
C TYR C 83 3.03 2.48 -29.57
N LEU C 84 4.13 1.97 -30.12
CA LEU C 84 5.48 2.29 -29.65
C LEU C 84 6.22 3.03 -30.77
N GLN C 85 6.05 4.34 -30.83
CA GLN C 85 6.61 5.13 -31.91
C GLN C 85 8.10 5.34 -31.69
N MET C 86 8.90 4.60 -32.45
CA MET C 86 10.36 4.65 -32.36
C MET C 86 10.86 5.62 -33.44
N ASN C 87 11.07 6.87 -33.05
CA ASN C 87 11.40 7.91 -34.02
C ASN C 87 12.74 7.65 -34.70
N SER C 88 13.75 7.24 -33.93
CA SER C 88 15.08 7.07 -34.49
C SER C 88 15.71 5.81 -33.87
N LEU C 89 15.52 4.68 -34.53
CA LEU C 89 16.09 3.43 -34.09
C LEU C 89 17.56 3.33 -34.50
N ARG C 90 18.20 2.25 -34.09
CA ARG C 90 19.45 1.81 -34.68
C ARG C 90 19.42 0.30 -34.87
N ALA C 91 20.59 -0.26 -35.18
CA ALA C 91 20.71 -1.70 -35.41
C ALA C 91 20.65 -2.51 -34.13
N GLU C 92 20.68 -1.87 -32.97
CA GLU C 92 20.57 -2.55 -31.69
C GLU C 92 19.13 -2.67 -31.20
N ASP C 93 18.18 -2.15 -31.96
CA ASP C 93 16.76 -2.22 -31.61
C ASP C 93 16.02 -3.31 -32.35
N THR C 94 16.72 -4.23 -33.00
CA THR C 94 16.09 -5.38 -33.64
C THR C 94 15.81 -6.45 -32.59
N ALA C 95 14.54 -6.69 -32.30
CA ALA C 95 14.14 -7.55 -31.19
C ALA C 95 12.65 -7.84 -31.33
N VAL C 96 12.16 -8.76 -30.49
CA VAL C 96 10.73 -9.02 -30.36
C VAL C 96 10.18 -8.14 -29.26
N TYR C 97 9.01 -7.55 -29.49
CA TYR C 97 8.43 -6.56 -28.61
C TYR C 97 7.05 -7.01 -28.19
N TYR C 98 6.79 -7.09 -26.89
CA TYR C 98 5.49 -7.50 -26.36
C TYR C 98 4.83 -6.32 -25.65
N CYS C 99 3.56 -6.08 -25.97
CA CYS C 99 2.75 -5.10 -25.27
C CYS C 99 2.01 -5.77 -24.12
N ALA C 100 1.73 -4.99 -23.06
CA ALA C 100 1.12 -5.55 -21.86
C ALA C 100 -0.10 -4.75 -21.46
N ARG C 101 -1.00 -5.40 -20.73
CA ARG C 101 -2.20 -4.77 -20.18
C ARG C 101 -2.30 -5.21 -18.73
N SER C 102 -1.64 -4.47 -17.83
CA SER C 102 -1.52 -4.94 -16.43
C SER C 102 -2.56 -4.36 -15.48
N ARG C 103 -2.88 -5.06 -14.40
CA ARG C 103 -3.78 -4.45 -13.38
C ARG C 103 -3.11 -3.16 -12.91
N GLN C 104 -3.82 -2.03 -12.91
CA GLN C 104 -3.17 -0.74 -12.57
C GLN C 104 -3.67 -0.20 -11.24
N PHE C 105 -3.97 -1.07 -10.27
CA PHE C 105 -4.39 -0.59 -8.93
C PHE C 105 -3.56 -1.30 -7.85
N TRP C 106 -2.75 -0.54 -7.12
CA TRP C 106 -1.84 -1.11 -6.12
C TRP C 106 -1.35 -2.48 -6.55
N TYR C 107 -0.97 -2.60 -7.82
CA TYR C 107 -0.38 -3.81 -8.35
C TYR C 107 0.26 -3.43 -9.68
N SER C 108 1.41 -4.04 -9.98
CA SER C 108 2.06 -3.76 -11.26
C SER C 108 2.41 -5.04 -12.01
N GLY C 109 1.74 -6.15 -11.69
CA GLY C 109 1.89 -7.37 -12.45
C GLY C 109 1.29 -7.26 -13.82
N LEU C 110 2.08 -7.60 -14.85
CA LEU C 110 1.62 -7.52 -16.24
C LEU C 110 0.87 -8.80 -16.60
N ASP C 111 -0.29 -8.98 -15.98
CA ASP C 111 -0.99 -10.27 -16.02
C ASP C 111 -1.94 -10.35 -17.20
N TYR C 112 -1.46 -9.91 -18.35
CA TYR C 112 -2.17 -9.95 -19.62
C TYR C 112 -1.22 -9.45 -20.69
N TRP C 113 -1.39 -9.96 -21.90
CA TRP C 113 -0.40 -9.80 -22.95
C TRP C 113 -1.05 -9.95 -24.31
N GLY C 114 -0.38 -9.40 -25.32
CA GLY C 114 -0.72 -9.64 -26.70
C GLY C 114 0.37 -10.43 -27.40
N GLN C 115 0.23 -10.51 -28.71
CA GLN C 115 1.27 -11.16 -29.52
C GLN C 115 2.45 -10.21 -29.69
N GLY C 116 3.65 -10.80 -29.76
CA GLY C 116 4.87 -10.04 -29.98
C GLY C 116 5.34 -10.21 -31.42
N THR C 117 5.67 -9.08 -32.05
CA THR C 117 6.02 -9.07 -33.47
C THR C 117 7.42 -8.49 -33.65
N LEU C 118 8.19 -9.13 -34.51
CA LEU C 118 9.56 -8.71 -34.79
C LEU C 118 9.58 -7.33 -35.43
N VAL C 119 10.63 -6.57 -35.11
CA VAL C 119 10.84 -5.24 -35.66
C VAL C 119 12.16 -5.19 -36.45
N THR C 120 12.58 -6.33 -36.98
CA THR C 120 13.77 -6.41 -37.80
C THR C 120 13.40 -6.44 -39.28
N VAL C 121 14.16 -5.70 -40.08
CA VAL C 121 13.95 -5.68 -41.53
C VAL C 121 15.08 -6.43 -42.23
N ASP D 13 16.95 16.69 15.51
CA ASP D 13 17.26 15.54 14.66
C ASP D 13 16.06 15.20 13.77
N GLU D 14 16.34 14.62 12.61
CA GLU D 14 15.29 14.27 11.67
C GLU D 14 14.75 12.87 11.95
N CYS D 16 13.42 8.83 11.41
CA CYS D 16 14.01 7.60 10.78
C CYS D 16 13.08 7.12 9.66
N ALA D 19 10.96 0.71 8.50
CA ALA D 19 11.54 -0.50 7.87
C ALA D 19 10.62 -1.69 8.09
N LEU D 23 9.40 -12.35 11.50
CA LEU D 23 8.98 -13.25 12.56
C LEU D 23 8.68 -14.62 11.99
N ALA D 24 8.62 -15.62 12.87
CA ALA D 24 8.46 -17.00 12.43
C ALA D 24 7.07 -17.23 11.84
N LYS D 25 7.01 -18.19 10.91
CA LYS D 25 5.72 -18.53 10.29
C LYS D 25 4.76 -19.12 11.30
N ASP D 26 5.24 -19.99 12.18
CA ASP D 26 4.39 -20.66 13.16
C ASP D 26 3.85 -19.67 14.19
N THR E 5 6.23 -14.54 7.09
CA THR E 5 5.50 -13.28 7.21
C THR E 5 6.44 -12.17 7.69
N ARG E 6 6.15 -10.93 7.31
CA ARG E 6 6.96 -9.78 7.66
C ARG E 6 6.16 -8.81 8.50
N VAL E 7 6.85 -8.17 9.43
CA VAL E 7 6.24 -7.20 10.35
C VAL E 7 6.96 -5.87 10.23
N PHE E 8 6.19 -4.80 10.16
CA PHE E 8 6.73 -3.47 9.99
C PHE E 8 7.47 -3.04 11.24
N LYS E 9 8.36 -2.05 11.09
CA LYS E 9 9.24 -1.63 12.16
C LYS E 9 9.75 -0.22 11.88
N LYS E 10 9.79 0.61 12.92
CA LYS E 10 10.36 1.94 12.82
C LYS E 10 11.32 2.15 13.99
N ALA E 11 12.37 2.92 13.76
CA ALA E 11 13.37 3.21 14.78
C ALA E 11 13.26 4.65 15.24
N SER E 12 14.00 4.97 16.30
CA SER E 12 14.02 6.34 16.81
C SER E 12 15.38 6.97 16.57
N PRO E 13 15.43 8.28 16.33
CA PRO E 13 16.74 8.94 16.15
C PRO E 13 17.65 8.82 17.35
N ASN E 14 17.11 8.77 18.57
CA ASN E 14 17.96 8.63 19.74
C ASN E 14 18.62 7.26 19.80
N GLY E 15 18.00 6.25 19.21
CA GLY E 15 18.50 4.89 19.32
C GLY E 15 18.04 4.16 20.56
N LYS E 16 16.99 4.65 21.21
CA LYS E 16 16.50 4.06 22.45
C LYS E 16 15.05 3.57 22.35
N LEU E 17 14.54 3.37 21.13
CA LEU E 17 13.14 3.02 20.98
C LEU E 17 12.93 2.35 19.62
N THR E 18 11.89 1.54 19.53
CA THR E 18 11.54 0.86 18.29
C THR E 18 10.10 0.37 18.37
N VAL E 19 9.33 0.62 17.32
CA VAL E 19 7.90 0.31 17.28
C VAL E 19 7.67 -0.72 16.18
N TYR E 20 6.93 -1.78 16.52
CA TYR E 20 6.56 -2.82 15.57
C TYR E 20 5.06 -2.81 15.32
N LEU E 21 4.67 -3.14 14.09
CA LEU E 21 3.28 -3.18 13.69
C LEU E 21 3.08 -4.26 12.65
N GLY E 22 2.03 -5.07 12.83
CA GLY E 22 1.78 -6.17 11.92
C GLY E 22 1.42 -5.72 10.51
N LYS E 23 0.69 -4.62 10.41
CA LYS E 23 0.26 -4.11 9.10
C LYS E 23 -0.08 -2.64 9.23
N ARG E 24 -0.02 -1.92 8.11
CA ARG E 24 -0.41 -0.52 8.09
C ARG E 24 -1.65 -0.33 7.23
N ASP E 25 -2.40 -1.42 7.05
CA ASP E 25 -3.67 -1.38 6.27
C ASP E 25 -4.68 -2.25 7.03
N PHE E 26 -5.42 -1.65 7.96
CA PHE E 26 -6.32 -2.40 8.82
C PHE E 26 -7.69 -2.47 8.17
N VAL E 27 -8.06 -3.67 7.72
CA VAL E 27 -9.31 -3.87 7.01
C VAL E 27 -10.48 -3.60 7.95
N ASP E 28 -11.47 -2.86 7.45
CA ASP E 28 -12.63 -2.47 8.25
C ASP E 28 -13.82 -3.32 7.82
N HIS E 29 -14.07 -4.40 8.55
CA HIS E 29 -15.27 -5.18 8.30
C HIS E 29 -16.49 -4.41 8.77
N ILE E 30 -17.67 -4.89 8.38
CA ILE E 30 -18.91 -4.14 8.64
C ILE E 30 -19.21 -4.05 10.12
N ASP E 31 -18.91 -5.10 10.89
CA ASP E 31 -19.26 -5.17 12.30
C ASP E 31 -18.10 -4.94 13.25
N LEU E 32 -16.91 -5.44 12.93
CA LEU E 32 -15.73 -5.26 13.76
C LEU E 32 -14.55 -4.78 12.92
N VAL E 33 -13.74 -3.91 13.50
CA VAL E 33 -12.54 -3.38 12.85
C VAL E 33 -11.33 -4.09 13.44
N ASP E 34 -10.32 -4.32 12.60
CA ASP E 34 -9.15 -5.06 13.04
C ASP E 34 -8.43 -4.32 14.17
N PRO E 35 -7.87 -5.03 15.14
CA PRO E 35 -7.15 -4.36 16.23
C PRO E 35 -5.74 -3.99 15.86
N VAL E 36 -5.28 -2.87 16.40
CA VAL E 36 -3.92 -2.40 16.21
C VAL E 36 -3.06 -3.03 17.30
N ASP E 37 -2.12 -3.88 16.92
CA ASP E 37 -1.32 -4.63 17.87
C ASP E 37 0.17 -4.52 17.51
N GLY E 38 1.00 -4.53 18.55
CA GLY E 38 2.44 -4.43 18.36
C GLY E 38 3.12 -4.38 19.71
N VAL E 39 4.45 -4.29 19.66
CA VAL E 39 5.27 -4.20 20.85
C VAL E 39 6.31 -3.12 20.67
N VAL E 40 6.57 -2.37 21.73
CA VAL E 40 7.60 -1.33 21.74
C VAL E 40 8.86 -1.89 22.37
N LEU E 41 9.97 -1.81 21.66
CA LEU E 41 11.26 -2.26 22.15
C LEU E 41 12.03 -1.03 22.63
N VAL E 42 12.38 -1.02 23.92
CA VAL E 42 12.93 0.18 24.55
C VAL E 42 14.21 -0.18 25.31
N ASP E 43 15.05 0.83 25.48
CA ASP E 43 16.33 0.70 26.18
C ASP E 43 16.10 0.70 27.68
N PRO E 44 16.60 -0.30 28.41
CA PRO E 44 16.44 -0.29 29.88
C PRO E 44 17.11 0.90 30.56
N GLU E 45 18.10 1.53 29.93
CA GLU E 45 18.82 2.63 30.58
C GLU E 45 17.89 3.78 30.92
N TYR E 46 17.13 4.28 29.94
CA TYR E 46 16.13 5.29 30.24
C TYR E 46 14.84 4.68 30.79
N LEU E 47 14.64 3.37 30.60
CA LEU E 47 13.50 2.70 31.22
C LEU E 47 13.58 2.74 32.73
N LYS E 48 14.80 2.77 33.27
CA LYS E 48 14.98 2.81 34.73
C LYS E 48 14.26 4.00 35.34
N GLU E 49 14.17 5.12 34.61
CA GLU E 49 13.45 6.28 35.11
C GLU E 49 11.95 6.06 35.07
N ARG E 50 11.40 5.82 33.88
CA ARG E 50 9.97 5.66 33.73
C ARG E 50 9.69 4.72 32.55
N ARG E 51 8.53 4.07 32.58
CA ARG E 51 8.13 3.14 31.54
C ARG E 51 7.75 3.92 30.28
N VAL E 52 7.27 3.20 29.28
CA VAL E 52 6.99 3.75 27.95
C VAL E 52 5.51 4.06 27.83
N TYR E 53 5.20 5.15 27.16
CA TYR E 53 3.83 5.51 26.80
C TYR E 53 3.64 5.31 25.29
N VAL E 54 2.49 4.79 24.91
CA VAL E 54 2.16 4.58 23.50
C VAL E 54 0.86 5.29 23.18
N THR E 55 0.83 6.00 22.07
CA THR E 55 -0.29 6.85 21.70
C THR E 55 -0.80 6.46 20.34
N LEU E 56 -2.11 6.27 20.22
CA LEU E 56 -2.78 6.14 18.93
C LEU E 56 -3.66 7.35 18.73
N THR E 57 -3.43 8.10 17.66
CA THR E 57 -4.18 9.32 17.38
C THR E 57 -4.72 9.28 15.96
N VAL E 58 -5.90 9.87 15.80
CA VAL E 58 -6.56 9.99 14.50
C VAL E 58 -6.87 11.47 14.29
N ALA E 59 -6.35 12.04 13.21
CA ALA E 59 -6.44 13.47 13.00
C ALA E 59 -6.96 13.78 11.60
N PHE E 60 -7.77 14.82 11.50
CA PHE E 60 -8.26 15.33 10.23
C PHE E 60 -7.72 16.73 10.02
N ARG E 61 -7.13 16.98 8.85
CA ARG E 61 -6.46 18.24 8.56
C ARG E 61 -7.11 18.90 7.35
N TYR E 62 -7.47 20.17 7.50
CA TYR E 62 -8.00 20.97 6.40
C TYR E 62 -7.35 22.35 6.47
N GLY E 63 -7.68 23.19 5.50
CA GLY E 63 -7.19 24.56 5.46
C GLY E 63 -5.80 24.65 4.88
N ARG E 64 -4.84 25.06 5.70
CA ARG E 64 -3.45 25.18 5.28
C ARG E 64 -2.56 24.47 6.29
N GLY E 71 -1.65 24.41 14.67
CA GLY E 71 -2.16 23.69 13.51
C GLY E 71 -3.66 23.57 13.50
N LEU E 72 -4.26 23.66 12.31
CA LEU E 72 -5.71 23.51 12.15
C LEU E 72 -6.00 22.02 12.00
N THR E 73 -6.41 21.39 13.09
CA THR E 73 -6.59 19.95 13.11
C THR E 73 -7.51 19.57 14.25
N PHE E 74 -8.49 18.72 13.95
CA PHE E 74 -9.32 18.08 14.96
C PHE E 74 -8.96 16.61 15.03
N ARG E 75 -8.77 16.10 16.24
CA ARG E 75 -8.18 14.79 16.41
C ARG E 75 -8.71 14.11 17.68
N LYS E 76 -8.65 12.79 17.67
CA LYS E 76 -8.95 11.95 18.82
C LYS E 76 -7.66 11.26 19.24
N ASP E 77 -7.30 11.38 20.51
CA ASP E 77 -6.05 10.82 21.01
C ASP E 77 -6.36 9.76 22.05
N LEU E 78 -6.22 8.50 21.67
CA LEU E 78 -6.31 7.38 22.61
C LEU E 78 -4.94 7.18 23.24
N PHE E 79 -4.90 7.12 24.57
CA PHE E 79 -3.66 7.10 25.32
C PHE E 79 -3.53 5.80 26.10
N VAL E 80 -2.37 5.16 26.00
CA VAL E 80 -2.07 3.93 26.72
C VAL E 80 -0.66 4.03 27.29
N ALA E 81 -0.52 3.69 28.56
CA ALA E 81 0.78 3.69 29.24
C ALA E 81 1.17 2.26 29.57
N ASN E 82 2.34 1.84 29.11
CA ASN E 82 2.81 0.48 29.34
C ASN E 82 3.20 0.26 30.79
N PRO E 95 -5.53 -11.22 26.74
CA PRO E 95 -5.78 -10.30 25.63
C PRO E 95 -4.62 -10.27 24.62
N LEU E 96 -3.65 -11.17 24.80
CA LEU E 96 -2.50 -11.23 23.91
C LEU E 96 -2.87 -12.03 22.66
N THR E 97 -2.92 -11.35 21.52
CA THR E 97 -3.20 -12.01 20.25
C THR E 97 -1.99 -12.84 19.82
N ARG E 98 -2.17 -13.59 18.72
CA ARG E 98 -1.09 -14.41 18.22
C ARG E 98 0.07 -13.57 17.74
N LEU E 99 -0.20 -12.44 17.10
CA LEU E 99 0.87 -11.57 16.65
C LEU E 99 1.65 -11.00 17.83
N GLN E 100 0.93 -10.57 18.88
CA GLN E 100 1.60 -10.07 20.08
C GLN E 100 2.48 -11.16 20.70
N GLU E 101 1.95 -12.38 20.80
CA GLU E 101 2.71 -13.47 21.38
C GLU E 101 3.96 -13.76 20.56
N ARG E 102 3.82 -13.79 19.23
CA ARG E 102 4.98 -14.03 18.37
C ARG E 102 6.03 -12.92 18.52
N LEU E 103 5.58 -11.66 18.54
CA LEU E 103 6.50 -10.55 18.66
C LEU E 103 7.26 -10.59 19.98
N ILE E 104 6.55 -10.86 21.07
CA ILE E 104 7.23 -10.92 22.37
C ILE E 104 8.16 -12.12 22.44
N LYS E 105 7.74 -13.25 21.86
CA LYS E 105 8.60 -14.44 21.84
C LYS E 105 9.90 -14.17 21.09
N LYS E 106 9.82 -13.46 19.96
CA LYS E 106 11.04 -13.12 19.24
C LYS E 106 11.89 -12.12 20.00
N LEU E 107 11.28 -11.04 20.50
CA LEU E 107 12.06 -9.94 21.05
C LEU E 107 12.61 -10.29 22.43
N GLY E 108 11.74 -10.51 23.41
CA GLY E 108 12.21 -10.81 24.75
C GLY E 108 11.56 -10.02 25.86
N GLU E 109 12.37 -9.65 26.86
CA GLU E 109 11.82 -9.12 28.11
C GLU E 109 11.24 -7.72 27.94
N HIS E 110 11.96 -6.83 27.28
CA HIS E 110 11.58 -5.42 27.25
C HIS E 110 10.52 -5.08 26.21
N ALA E 111 10.08 -6.05 25.41
CA ALA E 111 9.04 -5.82 24.40
C ALA E 111 7.68 -5.70 25.09
N TYR E 112 7.46 -4.54 25.69
CA TYR E 112 6.22 -4.33 26.44
C TYR E 112 5.06 -4.13 25.47
N PRO E 113 4.05 -5.00 25.47
CA PRO E 113 3.04 -4.97 24.42
C PRO E 113 2.03 -3.84 24.61
N PHE E 114 1.34 -3.54 23.51
CA PHE E 114 0.26 -2.58 23.52
C PHE E 114 -0.75 -2.96 22.44
N THR E 115 -1.99 -2.50 22.62
CA THR E 115 -3.05 -2.85 21.68
C THR E 115 -4.19 -1.86 21.83
N PHE E 116 -4.63 -1.28 20.72
CA PHE E 116 -5.79 -0.41 20.67
C PHE E 116 -6.93 -1.12 19.95
N GLU E 117 -8.15 -0.79 20.34
CA GLU E 117 -9.35 -1.28 19.66
C GLU E 117 -10.03 -0.10 18.99
N ILE E 118 -10.23 -0.21 17.68
CA ILE E 118 -10.84 0.86 16.90
C ILE E 118 -12.34 0.60 16.82
N CYS E 119 -13.13 1.49 17.41
CA CYS E 119 -14.57 1.37 17.30
C CYS E 119 -14.99 1.63 15.85
N PRO E 120 -16.00 0.90 15.34
CA PRO E 120 -16.30 0.96 13.91
C PRO E 120 -16.69 2.34 13.41
N ASN E 121 -17.27 3.20 14.25
CA ASN E 121 -17.77 4.48 13.78
C ASN E 121 -16.67 5.41 13.28
N LEU E 122 -15.41 5.12 13.58
CA LEU E 122 -14.32 5.98 13.15
C LEU E 122 -14.16 5.90 11.63
N PRO E 123 -13.85 7.02 10.98
CA PRO E 123 -13.77 7.05 9.52
C PRO E 123 -12.46 6.45 8.99
N SER E 124 -12.43 6.28 7.68
CA SER E 124 -11.30 5.67 6.99
C SER E 124 -10.37 6.74 6.43
N SER E 125 -9.27 6.29 5.84
CA SER E 125 -8.20 7.16 5.39
C SER E 125 -8.51 7.69 3.99
N VAL E 126 -8.67 9.01 3.87
CA VAL E 126 -8.95 9.66 2.61
C VAL E 126 -8.25 11.02 2.60
N THR E 127 -7.49 11.28 1.54
CA THR E 127 -6.76 12.54 1.39
C THR E 127 -7.22 13.26 0.13
N LEU E 128 -7.30 14.59 0.21
CA LEU E 128 -7.78 15.40 -0.89
C LEU E 128 -6.64 15.66 -1.89
N GLN E 129 -7.02 16.20 -3.05
CA GLN E 129 -6.06 16.56 -4.07
C GLN E 129 -5.37 17.86 -3.70
N PRO E 130 -4.04 17.88 -3.56
CA PRO E 130 -3.37 19.13 -3.21
C PRO E 130 -3.36 20.10 -4.38
N GLY E 131 -3.62 21.38 -4.08
CA GLY E 131 -3.56 22.41 -5.07
C GLY E 131 -2.14 22.70 -5.49
N PRO E 132 -1.93 23.04 -6.77
CA PRO E 132 -0.58 23.33 -7.24
C PRO E 132 0.03 24.56 -6.61
N GLU E 133 -0.78 25.46 -6.06
CA GLU E 133 -0.27 26.69 -5.44
C GLU E 133 0.25 26.45 -4.02
N ASP E 134 0.01 25.29 -3.44
CA ASP E 134 0.39 25.00 -2.07
C ASP E 134 1.19 23.71 -2.01
N THR E 135 1.98 23.56 -0.94
CA THR E 135 2.80 22.36 -0.73
C THR E 135 2.58 21.92 0.72
N GLY E 136 1.64 20.99 0.92
CA GLY E 136 1.38 20.41 2.21
C GLY E 136 1.57 18.90 2.17
N LYS E 137 1.63 18.30 3.36
CA LYS E 137 1.82 16.86 3.45
C LYS E 137 0.58 16.10 3.01
N ALA E 138 -0.60 16.58 3.40
CA ALA E 138 -1.89 15.99 3.07
C ALA E 138 -2.98 16.85 3.67
N LEU E 139 -4.22 16.63 3.23
CA LEU E 139 -5.40 17.25 3.82
C LEU E 139 -6.46 16.17 3.98
N GLY E 140 -6.47 15.49 5.11
CA GLY E 140 -7.47 14.46 5.33
C GLY E 140 -7.16 13.65 6.57
N VAL E 141 -7.91 12.55 6.70
CA VAL E 141 -7.78 11.67 7.86
C VAL E 141 -6.47 10.92 7.82
N ASP E 142 -5.82 10.79 8.97
CA ASP E 142 -4.62 9.98 9.09
C ASP E 142 -4.62 9.27 10.44
N TYR E 143 -3.94 8.12 10.46
CA TYR E 143 -3.83 7.29 11.66
C TYR E 143 -2.36 7.18 12.04
N GLU E 144 -2.06 7.35 13.32
CA GLU E 144 -0.68 7.44 13.77
C GLU E 144 -0.48 6.60 15.01
N VAL E 145 0.73 6.07 15.16
CA VAL E 145 1.14 5.29 16.31
C VAL E 145 2.46 5.84 16.84
N LYS E 146 2.52 6.12 18.14
CA LYS E 146 3.63 6.85 18.72
C LYS E 146 4.10 6.16 20.00
N ALA E 147 5.37 6.40 20.35
CA ALA E 147 5.94 5.80 21.55
C ALA E 147 7.13 6.64 22.00
N PHE E 148 7.16 6.97 23.29
CA PHE E 148 8.23 7.80 23.83
C PHE E 148 8.45 7.44 25.30
N VAL E 149 9.46 8.05 25.89
CA VAL E 149 9.81 7.87 27.29
C VAL E 149 9.91 9.24 27.94
N ALA E 150 9.30 9.40 29.11
CA ALA E 150 9.34 10.66 29.82
C ALA E 150 8.97 10.41 31.28
N GLU E 151 9.68 11.09 32.18
CA GLU E 151 9.41 10.94 33.61
C GLU E 151 8.03 11.46 34.01
N ASN E 152 7.48 12.41 33.24
CA ASN E 152 6.16 12.96 33.53
C ASN E 152 5.41 13.13 32.23
N LEU E 153 4.08 13.18 32.34
CA LEU E 153 3.24 13.28 31.14
C LEU E 153 3.33 14.63 30.46
N GLU E 154 3.89 15.64 31.14
CA GLU E 154 4.00 16.98 30.57
C GLU E 154 5.42 17.33 30.15
N GLU E 155 6.40 16.47 30.40
CA GLU E 155 7.78 16.78 30.06
C GLU E 155 8.10 16.37 28.62
N LYS E 156 7.29 16.84 27.67
CA LYS E 156 7.53 16.56 26.26
C LYS E 156 8.45 17.65 25.70
N ILE E 157 9.75 17.44 25.89
CA ILE E 157 10.77 18.41 25.50
C ILE E 157 11.48 17.98 24.21
N HIS E 158 11.85 16.72 24.10
CA HIS E 158 12.66 16.23 23.00
C HIS E 158 11.81 15.36 22.08
N LYS E 159 11.59 15.84 20.85
CA LYS E 159 11.02 15.00 19.81
C LYS E 159 11.99 13.90 19.37
N ARG E 160 13.28 14.11 19.60
CA ARG E 160 14.30 13.13 19.21
C ARG E 160 14.13 11.80 19.92
N ASN E 161 13.36 11.75 21.01
CA ASN E 161 13.15 10.52 21.74
C ASN E 161 11.88 9.76 21.35
N SER E 162 11.17 10.22 20.32
CA SER E 162 9.90 9.61 19.94
C SER E 162 10.00 8.84 18.62
N VAL E 163 8.90 8.19 18.27
CA VAL E 163 8.74 7.49 17.00
C VAL E 163 7.35 7.76 16.48
N ARG E 164 7.23 8.08 15.19
CA ARG E 164 5.96 8.43 14.59
C ARG E 164 5.74 7.57 13.36
N LEU E 165 4.80 6.62 13.44
CA LEU E 165 4.48 5.72 12.35
C LEU E 165 3.02 5.93 11.94
N VAL E 166 2.76 5.91 10.64
CA VAL E 166 1.45 6.23 10.08
C VAL E 166 0.85 4.96 9.48
N ILE E 167 -0.42 4.69 9.80
CA ILE E 167 -1.15 3.55 9.29
C ILE E 167 -2.45 4.03 8.67
N ARG E 168 -3.18 3.10 8.07
CA ARG E 168 -4.43 3.40 7.39
C ARG E 168 -5.49 2.37 7.72
N LYS E 169 -6.75 2.79 7.61
CA LYS E 169 -7.90 1.92 7.70
C LYS E 169 -8.68 1.98 6.38
N VAL E 170 -8.95 0.82 5.79
CA VAL E 170 -9.53 0.74 4.45
C VAL E 170 -10.69 -0.24 4.45
N GLN E 171 -11.51 -0.13 3.40
CA GLN E 171 -12.66 -0.99 3.20
C GLN E 171 -12.64 -1.57 1.79
N TYR E 172 -13.42 -2.62 1.59
CA TYR E 172 -13.50 -3.30 0.30
C TYR E 172 -14.95 -3.53 -0.08
N ALA E 173 -15.18 -3.77 -1.36
CA ALA E 173 -16.53 -3.87 -1.89
C ALA E 173 -17.23 -5.11 -1.33
N PRO E 174 -18.53 -5.02 -1.04
CA PRO E 174 -19.28 -6.21 -0.62
C PRO E 174 -19.43 -7.20 -1.76
N GLU E 175 -19.62 -8.47 -1.39
CA GLU E 175 -19.70 -9.56 -2.35
C GLU E 175 -21.10 -9.78 -2.88
N ARG E 176 -22.09 -9.00 -2.45
CA ARG E 176 -23.48 -9.16 -2.87
C ARG E 176 -23.93 -7.89 -3.58
N PRO E 177 -23.84 -7.83 -4.90
CA PRO E 177 -24.28 -6.64 -5.63
C PRO E 177 -25.79 -6.48 -5.60
N GLY E 178 -26.23 -5.24 -5.73
CA GLY E 178 -27.64 -4.94 -5.76
C GLY E 178 -28.23 -5.13 -7.14
N PRO E 179 -29.50 -4.75 -7.30
CA PRO E 179 -30.14 -4.87 -8.61
C PRO E 179 -29.56 -3.88 -9.60
N GLN E 180 -29.84 -4.14 -10.88
CA GLN E 180 -29.38 -3.30 -11.98
C GLN E 180 -29.88 -1.87 -11.78
N PRO E 181 -28.97 -0.91 -11.55
CA PRO E 181 -29.41 0.48 -11.35
C PRO E 181 -30.08 1.02 -12.61
N THR E 182 -31.31 1.47 -12.45
CA THR E 182 -32.12 1.95 -13.57
C THR E 182 -32.98 3.11 -13.11
N ALA E 183 -33.10 4.11 -13.99
CA ALA E 183 -33.99 5.24 -13.72
C ALA E 183 -34.47 5.78 -15.05
N GLU E 184 -35.61 6.48 -15.00
CA GLU E 184 -36.24 7.00 -16.20
C GLU E 184 -37.06 8.23 -15.85
N THR E 185 -37.28 9.07 -16.85
CA THR E 185 -38.08 10.28 -16.69
C THR E 185 -38.87 10.52 -17.97
N THR E 186 -40.19 10.63 -17.82
CA THR E 186 -41.09 10.96 -18.92
C THR E 186 -41.60 12.37 -18.69
N ARG E 187 -41.16 13.31 -19.53
CA ARG E 187 -41.53 14.70 -19.37
C ARG E 187 -41.91 15.27 -20.73
N GLN E 188 -43.05 15.95 -20.78
CA GLN E 188 -43.46 16.69 -21.96
C GLN E 188 -42.73 18.02 -22.00
N PHE E 189 -41.96 18.25 -23.06
CA PHE E 189 -41.13 19.45 -23.16
C PHE E 189 -42.00 20.62 -23.61
N LEU E 190 -42.19 21.58 -22.70
CA LEU E 190 -43.03 22.76 -22.96
C LEU E 190 -44.38 22.33 -23.53
N MET E 191 -44.71 22.80 -24.72
CA MET E 191 -45.89 22.34 -25.44
C MET E 191 -45.51 21.01 -26.07
N SER E 192 -46.23 19.95 -25.70
CA SER E 192 -45.93 18.62 -26.21
C SER E 192 -47.18 17.76 -26.10
N ASP E 193 -47.15 16.62 -26.81
CA ASP E 193 -48.28 15.70 -26.81
C ASP E 193 -48.11 14.61 -25.75
N LYS E 194 -47.04 13.82 -25.85
CA LYS E 194 -46.80 12.82 -24.84
C LYS E 194 -45.34 12.89 -24.41
N PRO E 195 -45.03 12.51 -23.16
CA PRO E 195 -43.69 12.76 -22.63
C PRO E 195 -42.59 11.95 -23.31
N LEU E 196 -41.41 12.55 -23.40
CA LEU E 196 -40.23 11.84 -23.87
C LEU E 196 -39.76 10.85 -22.82
N HIS E 197 -39.48 9.62 -23.26
CA HIS E 197 -39.08 8.55 -22.36
C HIS E 197 -37.58 8.28 -22.54
N LEU E 198 -36.80 8.67 -21.53
CA LEU E 198 -35.38 8.34 -21.46
C LEU E 198 -35.19 7.27 -20.40
N GLU E 199 -34.61 6.14 -20.79
CA GLU E 199 -34.32 5.05 -19.87
C GLU E 199 -32.84 4.73 -19.94
N ALA E 200 -32.14 4.91 -18.82
CA ALA E 200 -30.73 4.62 -18.71
C ALA E 200 -30.53 3.50 -17.72
N SER E 201 -29.76 2.49 -18.10
CA SER E 201 -29.53 1.33 -17.26
C SER E 201 -28.05 0.98 -17.26
N LEU E 202 -27.42 1.08 -16.10
CA LEU E 202 -26.06 0.58 -15.95
C LEU E 202 -26.08 -0.95 -15.88
N ASP E 203 -24.95 -1.55 -16.19
CA ASP E 203 -24.89 -3.00 -16.28
C ASP E 203 -24.61 -3.70 -14.96
N LYS E 204 -24.36 -2.95 -13.88
CA LYS E 204 -24.26 -3.48 -12.53
C LYS E 204 -24.24 -2.30 -11.56
N GLU E 205 -24.24 -2.60 -10.27
CA GLU E 205 -24.07 -1.58 -9.25
C GLU E 205 -22.65 -1.47 -8.72
N ILE E 206 -21.94 -2.59 -8.60
CA ILE E 206 -20.58 -2.59 -8.09
C ILE E 206 -19.63 -2.54 -9.27
N TYR E 207 -19.09 -1.36 -9.55
CA TYR E 207 -18.07 -1.17 -10.56
C TYR E 207 -16.72 -1.00 -9.87
N TYR E 208 -15.73 -1.78 -10.30
CA TYR E 208 -14.40 -1.60 -9.76
C TYR E 208 -13.78 -0.32 -10.30
N HIS E 209 -12.68 0.10 -9.66
CA HIS E 209 -12.04 1.35 -10.04
C HIS E 209 -11.49 1.28 -11.46
N GLY E 210 -11.96 2.20 -12.31
CA GLY E 210 -11.53 2.28 -13.69
C GLY E 210 -12.30 1.43 -14.66
N GLU E 211 -13.19 0.57 -14.20
CA GLU E 211 -13.91 -0.31 -15.12
C GLU E 211 -14.98 0.49 -15.87
N PRO E 212 -15.23 0.19 -17.14
CA PRO E 212 -16.17 1.00 -17.92
C PRO E 212 -17.58 0.94 -17.36
N ILE E 213 -18.30 2.04 -17.50
CA ILE E 213 -19.67 2.16 -17.05
C ILE E 213 -20.55 2.17 -18.30
N SER E 214 -20.99 0.98 -18.70
CA SER E 214 -21.71 0.79 -19.96
C SER E 214 -23.16 1.24 -19.78
N VAL E 215 -23.37 2.55 -19.86
CA VAL E 215 -24.70 3.12 -19.68
C VAL E 215 -25.54 2.80 -20.91
N ASN E 216 -26.41 1.81 -20.81
CA ASN E 216 -27.33 1.47 -21.89
C ASN E 216 -28.42 2.54 -21.94
N VAL E 217 -28.51 3.23 -23.07
CA VAL E 217 -29.38 4.39 -23.22
C VAL E 217 -30.42 4.09 -24.28
N HIS E 218 -31.69 4.23 -23.92
CA HIS E 218 -32.81 4.06 -24.84
C HIS E 218 -33.72 5.27 -24.72
N VAL E 219 -34.06 5.87 -25.86
CA VAL E 219 -34.94 7.02 -25.88
C VAL E 219 -35.90 6.89 -27.05
N THR E 220 -37.15 7.30 -26.82
CA THR E 220 -38.15 7.40 -27.87
C THR E 220 -38.97 8.66 -27.62
N ASN E 221 -39.51 9.23 -28.68
CA ASN E 221 -40.13 10.53 -28.58
C ASN E 221 -41.30 10.68 -29.55
N ASN E 222 -42.26 11.51 -29.17
CA ASN E 222 -43.26 12.04 -30.08
C ASN E 222 -43.31 13.55 -30.08
N THR E 223 -42.64 14.20 -29.12
CA THR E 223 -42.61 15.65 -29.07
C THR E 223 -41.87 16.21 -30.28
N ASN E 224 -42.28 17.40 -30.71
CA ASN E 224 -41.61 18.06 -31.82
C ASN E 224 -40.14 18.30 -31.55
N LYS E 225 -39.74 18.39 -30.28
CA LYS E 225 -38.35 18.62 -29.95
C LYS E 225 -37.48 17.43 -30.34
N THR E 226 -36.17 17.63 -30.30
CA THR E 226 -35.22 16.58 -30.61
C THR E 226 -33.93 16.86 -29.85
N VAL E 227 -33.21 15.79 -29.53
CA VAL E 227 -31.93 15.92 -28.86
C VAL E 227 -30.87 16.32 -29.87
N LYS E 228 -30.15 17.40 -29.57
CA LYS E 228 -29.04 17.83 -30.41
C LYS E 228 -27.70 17.28 -29.92
N LYS E 229 -27.51 17.22 -28.61
CA LYS E 229 -26.30 16.68 -28.02
C LYS E 229 -26.67 15.85 -26.79
N ILE E 230 -25.89 14.80 -26.54
CA ILE E 230 -26.07 13.95 -25.37
C ILE E 230 -24.81 14.07 -24.53
N LYS E 231 -24.98 14.49 -23.28
CA LYS E 231 -23.87 14.73 -22.37
C LYS E 231 -23.90 13.68 -21.27
N ILE E 232 -22.88 12.83 -21.24
CA ILE E 232 -22.77 11.74 -20.26
C ILE E 232 -21.53 11.98 -19.44
N SER E 233 -21.68 11.95 -18.12
CA SER E 233 -20.57 12.26 -17.23
C SER E 233 -20.68 11.42 -15.96
N VAL E 234 -19.57 11.32 -15.24
CA VAL E 234 -19.52 10.70 -13.93
C VAL E 234 -19.21 11.79 -12.91
N ARG E 235 -20.13 12.01 -11.97
CA ARG E 235 -19.99 13.06 -10.98
C ARG E 235 -19.64 12.43 -9.64
N GLN E 236 -18.49 12.81 -9.08
CA GLN E 236 -18.07 12.33 -7.78
C GLN E 236 -18.66 13.22 -6.68
N TYR E 237 -19.34 12.61 -5.73
CA TYR E 237 -19.96 13.33 -4.62
C TYR E 237 -19.18 13.05 -3.34
N ALA E 238 -18.80 14.12 -2.64
CA ALA E 238 -18.09 14.00 -1.39
C ALA E 238 -18.56 15.09 -0.45
N ASP E 239 -18.61 14.77 0.84
CA ASP E 239 -19.03 15.74 1.86
C ASP E 239 -18.05 15.73 3.03
N ILE E 240 -17.93 16.88 3.67
CA ILE E 240 -17.14 17.03 4.89
C ILE E 240 -18.11 17.16 6.05
N VAL E 241 -18.25 16.08 6.82
CA VAL E 241 -19.21 16.07 7.92
C VAL E 241 -18.82 17.08 8.99
N LEU E 242 -17.52 17.28 9.20
CA LEU E 242 -17.07 18.25 10.21
C LEU E 242 -17.56 19.66 9.86
N PHE E 243 -17.49 20.03 8.59
CA PHE E 243 -17.79 21.39 8.17
C PHE E 243 -19.25 21.52 7.77
N ASN E 244 -19.88 22.62 8.18
CA ASN E 244 -21.28 22.86 7.85
C ASN E 244 -21.44 23.18 6.37
N THR E 245 -22.49 22.62 5.77
CA THR E 245 -22.83 22.86 4.36
C THR E 245 -21.65 22.59 3.44
N ALA E 246 -20.97 21.48 3.67
CA ALA E 246 -19.80 21.07 2.88
C ALA E 246 -20.17 19.82 2.09
N GLN E 247 -20.71 20.02 0.90
CA GLN E 247 -21.01 18.93 -0.03
C GLN E 247 -20.43 19.31 -1.38
N TYR E 248 -19.35 18.65 -1.78
CA TYR E 248 -18.60 18.99 -2.98
C TYR E 248 -18.82 17.95 -4.06
N LYS E 249 -19.15 18.39 -5.26
CA LYS E 249 -19.26 17.53 -6.43
C LYS E 249 -18.48 18.17 -7.58
N VAL E 250 -17.66 17.37 -8.25
CA VAL E 250 -16.90 17.84 -9.40
C VAL E 250 -17.09 16.87 -10.55
N PRO E 251 -17.10 17.34 -11.80
CA PRO E 251 -17.25 16.42 -12.93
C PRO E 251 -16.02 15.55 -13.11
N VAL E 252 -16.25 14.32 -13.55
CA VAL E 252 -15.20 13.37 -13.88
C VAL E 252 -15.58 12.65 -15.16
N ALA E 253 -14.63 12.53 -16.09
CA ALA E 253 -14.81 11.78 -17.33
C ALA E 253 -16.04 12.25 -18.11
N MET E 254 -16.22 13.57 -18.18
CA MET E 254 -17.33 14.13 -18.94
C MET E 254 -17.22 13.77 -20.41
N GLU E 255 -18.32 13.31 -20.99
CA GLU E 255 -18.37 12.90 -22.39
C GLU E 255 -19.57 13.55 -23.06
N GLU E 256 -19.32 14.20 -24.19
CA GLU E 256 -20.37 14.91 -24.95
C GLU E 256 -20.40 14.34 -26.36
N ALA E 257 -21.33 13.43 -26.62
CA ALA E 257 -21.55 12.91 -27.95
C ALA E 257 -22.60 13.74 -28.68
N ASP E 258 -22.55 13.70 -30.01
CA ASP E 258 -23.42 14.51 -30.85
C ASP E 258 -24.54 13.71 -31.48
N ASP E 259 -24.84 12.52 -30.95
CA ASP E 259 -25.91 11.72 -31.50
C ASP E 259 -27.25 12.43 -31.36
N THR E 260 -28.09 12.32 -32.39
CA THR E 260 -29.36 13.00 -32.44
C THR E 260 -30.49 11.99 -32.67
N VAL E 261 -31.66 12.31 -32.09
CA VAL E 261 -32.87 11.46 -32.27
C VAL E 261 -34.01 12.44 -32.57
N ALA E 262 -34.40 12.55 -33.84
CA ALA E 262 -35.51 13.44 -34.25
C ALA E 262 -36.82 12.92 -33.69
N PRO E 263 -37.89 13.75 -33.58
CA PRO E 263 -39.20 13.27 -33.13
C PRO E 263 -39.63 11.98 -33.82
N SER E 264 -40.32 11.09 -33.09
CA SER E 264 -40.84 9.82 -33.66
C SER E 264 -39.69 8.90 -34.10
N SER E 265 -38.67 8.71 -33.26
CA SER E 265 -37.62 7.76 -33.59
C SER E 265 -37.43 6.81 -32.41
N THR E 266 -36.32 6.09 -32.41
CA THR E 266 -35.96 5.19 -31.33
C THR E 266 -34.45 4.99 -31.36
N PHE E 267 -33.81 5.15 -30.21
CA PHE E 267 -32.36 5.13 -30.13
C PHE E 267 -31.90 4.10 -29.10
N SER E 268 -30.76 3.48 -29.37
CA SER E 268 -30.15 2.54 -28.44
C SER E 268 -28.64 2.54 -28.66
N LYS E 269 -27.88 2.63 -27.57
CA LYS E 269 -26.43 2.70 -27.67
C LYS E 269 -25.84 2.32 -26.32
N VAL E 270 -24.61 1.82 -26.36
CA VAL E 270 -23.88 1.40 -25.17
C VAL E 270 -22.61 2.24 -25.11
N TYR E 271 -22.61 3.29 -24.30
CA TYR E 271 -21.44 4.15 -24.13
C TYR E 271 -20.57 3.59 -23.03
N THR E 272 -19.26 3.52 -23.29
CA THR E 272 -18.30 3.03 -22.30
C THR E 272 -17.55 4.23 -21.73
N LEU E 273 -18.14 4.83 -20.70
CA LEU E 273 -17.49 5.88 -19.94
C LEU E 273 -16.48 5.28 -18.96
N THR E 274 -15.55 6.10 -18.53
CA THR E 274 -14.59 5.62 -17.53
C THR E 274 -14.02 6.79 -16.73
N PRO E 275 -14.33 6.88 -15.44
CA PRO E 275 -13.66 7.88 -14.59
C PRO E 275 -12.16 7.62 -14.54
N PHE E 276 -11.39 8.70 -14.52
CA PHE E 276 -9.94 8.60 -14.48
C PHE E 276 -9.36 9.87 -13.89
N LEU E 277 -8.04 9.86 -13.68
CA LEU E 277 -7.34 10.90 -12.94
C LEU E 277 -6.59 11.88 -13.82
N ALA E 278 -6.24 11.50 -15.05
CA ALA E 278 -5.34 12.30 -15.86
C ALA E 278 -5.93 13.67 -16.17
N ASN E 279 -7.16 13.70 -16.68
CA ASN E 279 -7.78 14.98 -17.02
C ASN E 279 -8.34 15.72 -15.83
N ASN E 280 -8.39 15.09 -14.65
CA ASN E 280 -8.94 15.71 -13.46
C ASN E 280 -7.89 15.99 -12.39
N ARG E 281 -6.60 15.82 -12.73
CA ARG E 281 -5.54 16.13 -11.76
C ARG E 281 -5.49 17.59 -11.37
N GLU E 282 -5.90 18.50 -12.27
CA GLU E 282 -5.88 19.92 -11.95
C GLU E 282 -7.06 20.35 -11.09
N LYS E 283 -7.98 19.45 -10.78
CA LYS E 283 -9.13 19.78 -9.97
C LYS E 283 -8.72 19.99 -8.52
N ARG E 284 -9.53 20.76 -7.80
CA ARG E 284 -9.30 21.04 -6.38
C ARG E 284 -10.28 20.24 -5.54
N GLY E 285 -9.77 19.57 -4.52
CA GLY E 285 -10.61 18.83 -3.61
C GLY E 285 -11.00 17.44 -4.08
N LEU E 286 -10.41 16.95 -5.17
CA LEU E 286 -10.72 15.61 -5.66
C LEU E 286 -10.17 14.59 -4.68
N ALA E 287 -11.07 13.93 -3.95
CA ALA E 287 -10.66 12.98 -2.93
C ALA E 287 -9.96 11.78 -3.56
N LEU E 288 -8.84 11.38 -2.98
CA LEU E 288 -8.08 10.23 -3.41
C LEU E 288 -7.90 9.28 -2.24
N ASP E 289 -7.43 8.07 -2.52
CA ASP E 289 -7.16 7.12 -1.46
C ASP E 289 -6.02 7.62 -0.57
N GLY E 290 -6.06 7.23 0.70
CA GLY E 290 -5.13 7.72 1.68
C GLY E 290 -3.67 7.50 1.35
N LYS E 291 -2.88 8.55 1.43
CA LYS E 291 -1.46 8.50 1.13
C LYS E 291 -0.65 8.40 2.41
N LEU E 292 0.33 7.51 2.42
CA LEU E 292 1.26 7.43 3.55
C LEU E 292 2.35 8.50 3.40
N LYS E 293 3.14 8.40 2.34
CA LYS E 293 4.13 9.40 2.01
C LYS E 293 3.50 10.47 1.11
N HIS E 294 4.33 11.30 0.49
CA HIS E 294 3.82 12.24 -0.50
C HIS E 294 3.69 11.56 -1.85
N GLU E 295 2.92 10.47 -1.90
CA GLU E 295 2.78 9.66 -3.10
C GLU E 295 1.52 10.05 -3.86
N ASP E 296 1.19 9.27 -4.89
CA ASP E 296 0.01 9.48 -5.71
C ASP E 296 -0.85 8.22 -5.68
N THR E 297 -2.17 8.40 -5.55
CA THR E 297 -3.08 7.29 -5.44
C THR E 297 -4.29 7.52 -6.35
N ASN E 298 -5.09 6.46 -6.49
CA ASN E 298 -6.25 6.50 -7.37
C ASN E 298 -7.35 7.36 -6.77
N LEU E 299 -8.49 7.41 -7.48
CA LEU E 299 -9.66 8.10 -6.97
C LEU E 299 -10.14 7.44 -5.68
N ALA E 300 -10.83 8.22 -4.86
CA ALA E 300 -11.31 7.71 -3.58
C ALA E 300 -12.36 6.64 -3.79
N SER E 301 -12.36 5.64 -2.92
CA SER E 301 -13.39 4.61 -2.93
C SER E 301 -14.62 5.09 -2.17
N SER E 302 -15.72 4.37 -2.34
CA SER E 302 -16.93 4.71 -1.62
C SER E 302 -16.83 4.24 -0.17
N THR E 303 -17.74 4.72 0.67
CA THR E 303 -17.74 4.43 2.09
C THR E 303 -18.87 3.47 2.43
N LEU E 304 -18.54 2.41 3.17
CA LEU E 304 -19.51 1.42 3.59
C LEU E 304 -19.88 1.60 5.06
N LEU E 305 -21.11 1.22 5.38
CA LEU E 305 -21.58 1.16 6.76
C LEU E 305 -22.86 0.33 6.79
N ARG E 306 -22.98 -0.50 7.82
CA ARG E 306 -24.11 -1.42 7.93
C ARG E 306 -25.17 -0.97 8.92
N GLU E 307 -24.83 -0.07 9.84
CA GLU E 307 -25.80 0.40 10.81
C GLU E 307 -26.43 1.71 10.35
N GLY E 308 -27.42 2.18 11.12
CA GLY E 308 -27.94 3.51 10.93
C GLY E 308 -27.11 4.52 11.71
N ALA E 309 -25.82 4.56 11.42
CA ALA E 309 -24.88 5.31 12.23
C ALA E 309 -25.12 6.81 12.10
N ASN E 310 -25.07 7.51 13.23
CA ASN E 310 -25.02 8.97 13.20
C ASN E 310 -23.69 9.41 12.61
N ARG E 311 -23.72 10.42 11.75
CA ARG E 311 -22.53 10.85 11.03
C ARG E 311 -21.45 11.29 12.00
N GLU E 312 -20.34 10.54 12.06
CA GLU E 312 -19.26 10.84 12.98
C GLU E 312 -18.62 12.19 12.65
N ILE E 313 -18.09 12.83 13.68
CA ILE E 313 -17.54 14.18 13.51
C ILE E 313 -16.37 14.19 12.55
N LEU E 314 -15.48 13.19 12.62
CA LEU E 314 -14.29 13.21 11.74
C LEU E 314 -14.56 12.35 10.51
N GLY E 315 -13.92 12.66 9.37
CA GLY E 315 -14.05 11.77 8.19
C GLY E 315 -14.57 12.43 6.93
N ILE E 316 -14.40 11.74 5.79
CA ILE E 316 -14.91 12.25 4.47
C ILE E 316 -15.66 11.12 3.78
N ILE E 317 -16.95 11.31 3.49
CA ILE E 317 -17.76 10.26 2.87
C ILE E 317 -17.81 10.52 1.38
N VAL E 318 -17.49 9.50 0.59
CA VAL E 318 -17.30 9.62 -0.86
C VAL E 318 -18.30 8.72 -1.56
N SER E 319 -19.01 9.26 -2.55
CA SER E 319 -19.98 8.50 -3.32
C SER E 319 -19.93 8.95 -4.78
N TYR E 320 -20.25 8.03 -5.68
CA TYR E 320 -20.18 8.24 -7.12
C TYR E 320 -21.54 8.05 -7.76
N LYS E 321 -21.86 8.94 -8.70
CA LYS E 321 -23.10 8.85 -9.47
C LYS E 321 -22.81 9.19 -10.92
N VAL E 322 -23.53 8.54 -11.83
CA VAL E 322 -23.43 8.80 -13.26
C VAL E 322 -24.60 9.68 -13.67
N LYS E 323 -24.31 10.76 -14.39
CA LYS E 323 -25.33 11.69 -14.84
C LYS E 323 -25.44 11.61 -16.36
N VAL E 324 -26.64 11.35 -16.86
CA VAL E 324 -26.92 11.32 -18.28
C VAL E 324 -27.88 12.46 -18.59
N LYS E 325 -27.51 13.29 -19.56
CA LYS E 325 -28.24 14.51 -19.85
C LYS E 325 -28.62 14.57 -21.32
N LEU E 326 -29.78 15.15 -21.59
CA LEU E 326 -30.25 15.41 -22.94
C LEU E 326 -30.53 16.89 -23.09
N VAL E 327 -30.24 17.43 -24.27
CA VAL E 327 -30.47 18.84 -24.57
C VAL E 327 -31.19 18.96 -25.89
N VAL E 328 -32.13 19.90 -25.97
CA VAL E 328 -32.96 20.10 -27.14
C VAL E 328 -32.88 21.58 -27.55
N SER E 329 -33.66 21.94 -28.56
CA SER E 329 -33.71 23.32 -29.02
C SER E 329 -34.30 24.24 -27.95
N SER E 340 -34.80 23.66 -23.84
CA SER E 340 -35.04 22.94 -22.60
C SER E 340 -34.00 21.87 -22.37
N ASP E 341 -34.12 21.16 -21.24
CA ASP E 341 -33.13 20.15 -20.89
C ASP E 341 -33.74 19.19 -19.87
N VAL E 342 -33.43 17.91 -20.03
CA VAL E 342 -33.83 16.87 -19.09
C VAL E 342 -32.63 15.97 -18.82
N ALA E 343 -32.67 15.29 -17.69
CA ALA E 343 -31.57 14.44 -17.27
C ALA E 343 -32.01 13.58 -16.09
N VAL E 344 -31.44 12.39 -15.99
CA VAL E 344 -31.64 11.51 -14.84
C VAL E 344 -30.27 11.10 -14.31
N GLU E 345 -30.24 10.72 -13.04
CA GLU E 345 -29.00 10.41 -12.34
C GLU E 345 -29.08 9.01 -11.77
N LEU E 346 -27.99 8.26 -11.91
CA LEU E 346 -27.96 6.84 -11.55
C LEU E 346 -26.80 6.58 -10.60
N PRO E 347 -27.04 6.08 -9.40
CA PRO E 347 -25.95 5.80 -8.47
C PRO E 347 -25.38 4.40 -8.63
N PHE E 348 -24.09 4.28 -8.34
CA PHE E 348 -23.40 3.00 -8.45
C PHE E 348 -22.32 2.95 -7.38
N THR E 349 -21.77 1.75 -7.17
CA THR E 349 -20.73 1.52 -6.18
C THR E 349 -19.39 1.43 -6.88
N LEU E 350 -18.39 2.14 -6.35
CA LEU E 350 -17.06 2.22 -6.94
C LEU E 350 -16.04 1.86 -5.87
N MET E 351 -15.62 0.60 -5.84
CA MET E 351 -14.73 0.13 -4.79
C MET E 351 -13.78 -0.92 -5.35
N HIS E 352 -12.68 -1.13 -4.64
CA HIS E 352 -11.77 -2.20 -5.00
C HIS E 352 -12.34 -3.55 -4.54
N PRO E 353 -12.12 -4.61 -5.32
CA PRO E 353 -12.58 -5.93 -4.90
C PRO E 353 -11.79 -6.44 -3.71
N LYS E 354 -12.43 -7.30 -2.94
CA LYS E 354 -11.80 -7.88 -1.76
C LYS E 354 -10.66 -8.81 -2.17
N PRO E 355 -9.43 -8.57 -1.71
CA PRO E 355 -8.27 -9.39 -2.07
C PRO E 355 -8.32 -10.77 -1.42
N ILE F 3 19.45 0.32 -9.42
CA ILE F 3 18.80 -0.90 -8.94
C ILE F 3 18.99 -2.03 -9.94
N GLN F 4 19.19 -3.24 -9.41
CA GLN F 4 19.32 -4.42 -10.25
C GLN F 4 19.00 -5.65 -9.42
N MET F 5 18.69 -6.75 -10.10
CA MET F 5 18.44 -8.02 -9.46
C MET F 5 19.16 -9.13 -10.21
N THR F 6 19.69 -10.09 -9.47
CA THR F 6 20.41 -11.23 -10.02
C THR F 6 19.67 -12.50 -9.70
N GLN F 7 19.59 -13.40 -10.68
CA GLN F 7 18.89 -14.66 -10.51
C GLN F 7 19.86 -15.81 -10.26
N SER F 10 20.39 -20.44 -14.25
CA SER F 10 20.92 -20.33 -15.61
C SER F 10 20.58 -21.57 -16.42
N SER F 11 20.59 -22.74 -15.77
CA SER F 11 20.22 -23.99 -16.42
C SER F 11 19.90 -25.01 -15.36
N LEU F 12 18.66 -25.50 -15.35
CA LEU F 12 18.22 -26.50 -14.39
C LEU F 12 18.12 -27.86 -15.04
N SER F 13 18.20 -28.90 -14.21
CA SER F 13 18.05 -30.27 -14.68
C SER F 13 16.58 -30.59 -14.91
N ALA F 14 16.31 -31.36 -15.97
CA ALA F 14 14.95 -31.73 -16.35
C ALA F 14 14.59 -33.13 -15.89
N SER F 15 15.06 -33.54 -14.71
CA SER F 15 14.70 -34.83 -14.13
C SER F 15 13.27 -34.74 -13.59
N VAL F 16 12.35 -35.48 -14.21
CA VAL F 16 10.93 -35.37 -13.87
C VAL F 16 10.69 -35.87 -12.46
N GLY F 17 9.66 -35.31 -11.81
CA GLY F 17 9.27 -35.74 -10.49
C GLY F 17 10.12 -35.20 -9.36
N ASP F 18 10.93 -34.18 -9.60
CA ASP F 18 11.84 -33.65 -8.60
C ASP F 18 11.38 -32.26 -8.13
N ARG F 19 12.03 -31.78 -7.07
CA ARG F 19 11.81 -30.46 -6.52
C ARG F 19 13.08 -29.64 -6.75
N VAL F 20 12.94 -28.51 -7.45
CA VAL F 20 14.08 -27.68 -7.82
C VAL F 20 13.93 -26.31 -7.18
N THR F 21 15.05 -25.62 -7.01
CA THR F 21 15.09 -24.34 -6.33
C THR F 21 15.89 -23.34 -7.17
N ILE F 22 15.34 -22.15 -7.37
CA ILE F 22 16.02 -21.08 -8.07
C ILE F 22 15.96 -19.81 -7.22
N THR F 23 17.11 -19.16 -7.06
CA THR F 23 17.24 -17.96 -6.25
C THR F 23 17.32 -16.72 -7.14
N CYS F 24 16.64 -15.66 -6.71
CA CYS F 24 16.71 -14.36 -7.38
C CYS F 24 16.94 -13.30 -6.31
N ARG F 25 18.20 -13.04 -6.01
CA ARG F 25 18.59 -12.14 -4.93
C ARG F 25 18.53 -10.69 -5.41
N ALA F 26 17.93 -9.83 -4.59
CA ALA F 26 17.85 -8.42 -4.92
C ALA F 26 19.16 -7.71 -4.58
N SER F 27 19.14 -6.38 -4.68
CA SER F 27 20.28 -5.56 -4.27
C SER F 27 19.84 -4.35 -3.45
N GLN F 28 18.58 -4.32 -3.00
CA GLN F 28 18.05 -3.20 -2.24
C GLN F 28 16.93 -3.71 -1.35
N SER F 29 16.31 -2.80 -0.62
CA SER F 29 15.16 -3.12 0.24
C SER F 29 13.89 -3.11 -0.61
N VAL F 30 13.78 -4.12 -1.47
CA VAL F 30 12.66 -4.23 -2.40
C VAL F 30 11.35 -4.56 -1.71
N SER F 31 11.40 -4.98 -0.44
CA SER F 31 10.19 -5.21 0.36
C SER F 31 9.27 -6.25 -0.26
N SER F 32 9.86 -7.33 -0.76
CA SER F 32 9.15 -8.52 -1.24
C SER F 32 8.27 -8.27 -2.46
N ALA F 33 8.26 -7.07 -3.02
CA ALA F 33 7.44 -6.77 -4.18
C ALA F 33 8.08 -7.41 -5.41
N VAL F 34 7.96 -8.73 -5.48
CA VAL F 34 8.60 -9.54 -6.52
C VAL F 34 7.54 -10.45 -7.13
N ALA F 35 7.49 -10.47 -8.45
CA ALA F 35 6.65 -11.40 -9.19
C ALA F 35 7.50 -12.20 -10.16
N TRP F 36 7.17 -13.48 -10.31
CA TRP F 36 7.91 -14.40 -11.16
C TRP F 36 7.08 -14.67 -12.41
N TYR F 37 7.63 -14.34 -13.58
CA TYR F 37 6.96 -14.54 -14.85
C TYR F 37 7.52 -15.76 -15.55
N GLN F 38 6.74 -16.32 -16.46
CA GLN F 38 7.18 -17.47 -17.24
C GLN F 38 6.51 -17.44 -18.61
N GLN F 39 7.31 -17.62 -19.66
CA GLN F 39 6.79 -17.66 -21.02
C GLN F 39 7.44 -18.81 -21.77
N LYS F 40 6.62 -19.63 -22.42
CA LYS F 40 7.15 -20.65 -23.30
C LYS F 40 7.80 -19.99 -24.52
N PRO F 41 8.81 -20.62 -25.10
CA PRO F 41 9.52 -19.99 -26.23
C PRO F 41 8.58 -19.64 -27.37
N GLY F 42 8.53 -18.36 -27.71
CA GLY F 42 7.70 -17.85 -28.78
C GLY F 42 6.42 -17.19 -28.34
N LYS F 43 6.07 -17.25 -27.06
CA LYS F 43 4.82 -16.71 -26.55
C LYS F 43 5.09 -15.59 -25.55
N ALA F 44 4.05 -14.82 -25.27
CA ALA F 44 4.12 -13.73 -24.33
C ALA F 44 4.26 -14.26 -22.91
N PRO F 45 4.69 -13.41 -21.96
CA PRO F 45 4.85 -13.90 -20.58
C PRO F 45 3.55 -14.37 -19.97
N LYS F 46 3.68 -15.28 -19.00
CA LYS F 46 2.56 -15.69 -18.15
C LYS F 46 3.05 -15.74 -16.72
N LEU F 47 2.50 -14.89 -15.87
CA LEU F 47 2.91 -14.78 -14.48
C LEU F 47 2.42 -15.99 -13.68
N LEU F 48 3.22 -16.42 -12.72
CA LEU F 48 2.84 -17.49 -11.82
C LEU F 48 2.75 -17.07 -10.37
N ILE F 49 3.66 -16.21 -9.92
CA ILE F 49 3.74 -15.77 -8.54
C ILE F 49 3.78 -14.25 -8.51
N TYR F 50 3.16 -13.66 -7.51
CA TYR F 50 3.36 -12.26 -7.23
C TYR F 50 3.43 -12.06 -5.73
N SER F 51 4.15 -11.01 -5.32
CA SER F 51 4.41 -10.73 -3.89
C SER F 51 5.17 -11.91 -3.32
N ALA F 52 4.66 -12.60 -2.31
CA ALA F 52 5.39 -13.67 -1.63
C ALA F 52 4.63 -14.99 -1.80
N SER F 53 5.09 -15.82 -2.73
CA SER F 53 4.61 -17.19 -2.88
C SER F 53 3.11 -17.26 -3.07
N SER F 54 2.55 -16.29 -3.80
CA SER F 54 1.13 -16.26 -4.13
C SER F 54 0.97 -16.81 -5.54
N LEU F 55 0.54 -18.06 -5.63
CA LEU F 55 0.43 -18.73 -6.92
C LEU F 55 -0.65 -18.08 -7.78
N TYR F 56 -0.45 -18.15 -9.10
CA TYR F 56 -1.45 -17.64 -10.03
C TYR F 56 -2.66 -18.57 -10.06
N SER F 57 -3.82 -17.99 -10.40
CA SER F 57 -5.05 -18.75 -10.39
C SER F 57 -5.06 -19.86 -11.43
N GLY F 58 -4.25 -19.72 -12.47
CA GLY F 58 -4.23 -20.69 -13.56
C GLY F 58 -3.17 -21.76 -13.47
N VAL F 59 -2.48 -21.90 -12.34
CA VAL F 59 -1.41 -22.88 -12.23
C VAL F 59 -1.67 -23.78 -11.04
N PRO F 60 -1.17 -25.01 -11.03
CA PRO F 60 -1.46 -25.91 -9.90
C PRO F 60 -0.74 -25.51 -8.63
N SER F 61 -0.88 -26.32 -7.58
CA SER F 61 -0.08 -26.16 -6.37
C SER F 61 1.37 -26.60 -6.58
N ARG F 62 1.71 -27.04 -7.79
CA ARG F 62 3.07 -27.50 -8.06
C ARG F 62 4.09 -26.39 -7.82
N PHE F 63 3.79 -25.18 -8.29
CA PHE F 63 4.69 -24.06 -8.11
C PHE F 63 4.65 -23.55 -6.67
N SER F 64 5.71 -22.85 -6.28
CA SER F 64 5.81 -22.29 -4.94
C SER F 64 6.83 -21.17 -4.94
N GLY F 65 6.78 -20.35 -3.89
CA GLY F 65 7.74 -19.29 -3.70
C GLY F 65 8.23 -19.25 -2.26
N SER F 66 9.17 -18.36 -2.00
CA SER F 66 9.73 -18.21 -0.67
C SER F 66 10.27 -16.80 -0.52
N ARG F 67 10.80 -16.51 0.67
CA ARG F 67 11.32 -15.19 0.99
C ARG F 67 12.20 -15.28 2.22
N SER F 68 13.32 -14.55 2.19
CA SER F 68 14.19 -14.42 3.36
C SER F 68 14.90 -13.07 3.26
N GLY F 69 14.36 -12.07 3.95
CA GLY F 69 14.95 -10.75 3.92
C GLY F 69 14.89 -10.12 2.55
N THR F 70 16.04 -10.03 1.88
CA THR F 70 16.12 -9.57 0.50
C THR F 70 16.53 -10.71 -0.43
N ASP F 71 16.23 -11.94 -0.07
CA ASP F 71 16.55 -13.11 -0.88
C ASP F 71 15.26 -13.85 -1.22
N PHE F 72 15.09 -14.18 -2.49
CA PHE F 72 13.86 -14.79 -2.98
C PHE F 72 14.15 -16.13 -3.63
N THR F 73 13.19 -17.04 -3.53
CA THR F 73 13.34 -18.40 -4.04
C THR F 73 12.03 -18.85 -4.66
N LEU F 74 12.11 -19.34 -5.89
CA LEU F 74 11.01 -20.06 -6.52
C LEU F 74 11.34 -21.55 -6.48
N THR F 75 10.32 -22.37 -6.26
CA THR F 75 10.54 -23.81 -6.10
C THR F 75 9.37 -24.59 -6.67
N ILE F 76 9.69 -25.50 -7.59
CA ILE F 76 8.70 -26.40 -8.18
C ILE F 76 8.60 -27.61 -7.24
N SER F 77 7.42 -27.80 -6.65
CA SER F 77 7.26 -28.84 -5.64
C SER F 77 7.43 -30.24 -6.23
N SER F 78 7.05 -30.43 -7.49
CA SER F 78 7.16 -31.74 -8.13
C SER F 78 7.24 -31.54 -9.63
N LEU F 79 8.37 -31.89 -10.23
CA LEU F 79 8.56 -31.67 -11.66
C LEU F 79 7.65 -32.56 -12.47
N GLN F 80 6.85 -31.95 -13.35
CA GLN F 80 6.00 -32.65 -14.29
C GLN F 80 6.24 -32.08 -15.67
N PRO F 81 6.05 -32.88 -16.73
CA PRO F 81 6.46 -32.45 -18.08
C PRO F 81 5.70 -31.26 -18.62
N GLU F 82 4.79 -30.69 -17.82
CA GLU F 82 4.02 -29.54 -18.29
C GLU F 82 4.91 -28.32 -18.54
N ASP F 83 5.85 -28.06 -17.62
CA ASP F 83 6.64 -26.82 -17.67
C ASP F 83 8.12 -27.15 -17.83
N PHE F 84 8.72 -26.64 -18.90
CA PHE F 84 10.17 -26.57 -19.03
C PHE F 84 10.57 -25.26 -19.69
N ALA F 85 9.93 -24.17 -19.27
CA ALA F 85 10.13 -22.85 -19.85
C ALA F 85 11.19 -22.08 -19.06
N THR F 86 11.27 -20.77 -19.28
CA THR F 86 12.17 -19.89 -18.57
C THR F 86 11.38 -19.03 -17.58
N TYR F 87 11.96 -18.82 -16.41
CA TYR F 87 11.31 -18.07 -15.33
C TYR F 87 12.00 -16.73 -15.13
N TYR F 88 11.22 -15.65 -15.15
CA TYR F 88 11.74 -14.29 -15.04
C TYR F 88 11.25 -13.68 -13.74
N CYS F 89 12.18 -13.31 -12.87
CA CYS F 89 11.87 -12.69 -11.59
C CYS F 89 11.91 -11.18 -11.74
N GLN F 90 10.78 -10.53 -11.40
CA GLN F 90 10.63 -9.10 -11.63
C GLN F 90 10.23 -8.41 -10.33
N GLN F 91 10.74 -7.21 -10.13
CA GLN F 91 10.35 -6.37 -9.00
C GLN F 91 9.49 -5.21 -9.50
N TYR F 92 8.55 -4.78 -8.65
CA TYR F 92 7.84 -3.54 -8.95
C TYR F 92 7.76 -2.72 -7.65
N LYS F 93 8.83 -2.00 -7.37
CA LYS F 93 8.84 -0.99 -6.33
C LYS F 93 9.51 0.29 -6.78
N TYR F 94 10.46 0.19 -7.71
CA TYR F 94 11.18 1.33 -8.25
C TYR F 94 10.81 1.49 -9.72
N VAL F 95 10.67 2.73 -10.16
CA VAL F 95 10.13 3.04 -11.49
C VAL F 95 10.98 2.45 -12.62
N PRO F 96 12.29 2.17 -12.44
CA PRO F 96 12.92 1.33 -13.48
C PRO F 96 12.72 -0.16 -13.19
N VAL F 97 11.53 -0.64 -13.56
CA VAL F 97 11.18 -2.04 -13.34
C VAL F 97 12.23 -2.94 -13.99
N THR F 98 12.65 -3.98 -13.27
CA THR F 98 13.80 -4.77 -13.65
C THR F 98 13.43 -6.25 -13.66
N PHE F 99 14.19 -7.03 -14.43
CA PHE F 99 13.97 -8.45 -14.58
C PHE F 99 15.25 -9.21 -14.28
N GLY F 100 15.10 -10.48 -13.97
CA GLY F 100 16.26 -11.35 -13.85
C GLY F 100 16.71 -11.87 -15.20
N GLN F 101 17.87 -12.53 -15.20
CA GLN F 101 18.38 -13.12 -16.44
C GLN F 101 17.45 -14.19 -16.96
N GLY F 102 16.89 -15.01 -16.08
CA GLY F 102 16.05 -16.11 -16.51
C GLY F 102 16.83 -17.38 -16.74
N THR F 103 16.22 -18.51 -16.37
CA THR F 103 16.85 -19.81 -16.50
C THR F 103 15.90 -20.76 -17.20
N LYS F 104 16.43 -21.53 -18.14
CA LYS F 104 15.68 -22.58 -18.80
C LYS F 104 15.88 -23.90 -18.05
N VAL F 105 15.18 -24.93 -18.50
CA VAL F 105 15.23 -26.25 -17.87
C VAL F 105 15.61 -27.26 -18.94
N GLU F 106 16.79 -27.86 -18.78
CA GLU F 106 17.28 -28.87 -19.73
C GLU F 106 18.22 -29.81 -18.98
N ILE F 107 17.92 -31.10 -18.99
CA ILE F 107 18.76 -32.09 -18.32
C ILE F 107 19.98 -32.41 -19.19
#